data_1HXP
#
_entry.id   1HXP
#
_cell.length_a   58.600
_cell.length_b   217.200
_cell.length_c   69.600
_cell.angle_alpha   90.00
_cell.angle_beta   90.00
_cell.angle_gamma   90.00
#
_symmetry.space_group_name_H-M   'P 21 21 2'
#
loop_
_entity.id
_entity.type
_entity.pdbx_description
1 polymer 'HEXOSE-1-PHOSPHATE URIDYLYLTRANSFERASE'
2 non-polymer 'ZINC ION'
3 non-polymer 'FE (III) ION'
4 non-polymer BETA-MERCAPTOETHANOL
5 non-polymer "URIDINE-5'-MONOPHOSPHATE"
6 non-polymer "URIDINE-5'-DIPHOSPHATE"
7 water water
#
_entity_poly.entity_id   1
_entity_poly.type   'polypeptide(L)'
_entity_poly.pdbx_seq_one_letter_code
;MTQFNPVDHPHRRYNPLTGQWILVSPHRAKRPWEGAQETPAKQVLPAHDPDCFLCAGNVRVTGDKNPDYTGTYVFTNDFA
ALMSDTPDAPESHDPLMRCQSARGTSRVICFSPDHSKTLPELSVAALTEIVKTWQEQTAELGKTYPWVQVFENKGAAMGC
SNPHPHGQIWANSFLPNEAEREDRLQKEYFAEQKSPMLVDYVQRELADGSRTVVETEHWLAVVPYWAAWPFETLLLPKAH
VLRITDLTDAQRSDLALALKKLTSRYDNLFQCSFPYSMGWHGAPFNGEENQHWQLHAHFYPPLLRSATVRKFMVGYEMLA
ETQRDLTAEQAAERLRAVSDIHFRESGV
;
_entity_poly.pdbx_strand_id   A,B
#
loop_
_chem_comp.id
_chem_comp.type
_chem_comp.name
_chem_comp.formula
BME non-polymer BETA-MERCAPTOETHANOL 'C2 H6 O S'
FE non-polymer 'FE (III) ION' 'Fe 3'
U5P non-polymer URIDINE-5'-MONOPHOSPHATE 'C9 H13 N2 O9 P'
UDP RNA linking URIDINE-5'-DIPHOSPHATE 'C9 H14 N2 O12 P2'
ZN non-polymer 'ZINC ION' 'Zn 2'
#
# COMPACT_ATOMS: atom_id res chain seq x y z
N THR A 2 -7.77 33.13 1.55
CA THR A 2 -8.95 33.77 0.98
C THR A 2 -10.14 32.82 0.85
N GLN A 3 -10.44 32.46 -0.40
CA GLN A 3 -11.53 31.55 -0.73
C GLN A 3 -10.97 30.17 -1.17
N PHE A 4 -11.52 29.11 -0.58
CA PHE A 4 -11.07 27.76 -0.91
C PHE A 4 -11.19 27.43 -2.38
N ASN A 5 -10.11 26.95 -2.96
CA ASN A 5 -10.12 26.58 -4.36
C ASN A 5 -9.26 25.32 -4.41
N PRO A 6 -9.93 24.16 -4.49
CA PRO A 6 -9.28 22.86 -4.54
C PRO A 6 -8.25 22.77 -5.62
N VAL A 7 -8.15 23.82 -6.44
CA VAL A 7 -7.14 23.71 -7.48
C VAL A 7 -5.88 24.27 -6.88
N ASP A 8 -6.05 25.02 -5.80
CA ASP A 8 -4.87 25.60 -5.22
C ASP A 8 -4.58 25.15 -3.81
N HIS A 9 -5.66 24.88 -3.09
CA HIS A 9 -5.50 24.47 -1.73
C HIS A 9 -5.52 23.02 -1.34
N PRO A 10 -4.63 22.64 -0.42
CA PRO A 10 -4.64 21.22 -0.01
C PRO A 10 -5.95 20.89 0.61
N HIS A 11 -6.36 19.64 0.43
CA HIS A 11 -7.58 19.17 0.99
C HIS A 11 -7.57 17.61 0.98
N ARG A 12 -8.62 17.05 1.57
CA ARG A 12 -8.72 15.61 1.59
C ARG A 12 -9.99 15.23 0.81
N ARG A 13 -9.94 14.15 0.04
CA ARG A 13 -11.12 13.74 -0.72
C ARG A 13 -11.50 12.35 -0.18
N TYR A 14 -12.82 12.14 -0.09
CA TYR A 14 -13.32 10.86 0.43
C TYR A 14 -13.52 9.77 -0.62
N ASN A 15 -13.16 8.54 -0.29
CA ASN A 15 -13.29 7.35 -1.15
C ASN A 15 -14.49 6.59 -0.58
N PRO A 16 -15.65 6.62 -1.24
CA PRO A 16 -16.86 5.95 -0.75
C PRO A 16 -16.83 4.47 -0.82
N LEU A 17 -15.87 3.93 -1.56
CA LEU A 17 -15.77 2.47 -1.69
C LEU A 17 -14.97 1.86 -0.55
N THR A 18 -14.05 2.63 0.03
CA THR A 18 -13.21 2.17 1.15
C THR A 18 -13.44 2.93 2.46
N GLY A 19 -14.14 4.03 2.44
CA GLY A 19 -14.39 4.79 3.65
C GLY A 19 -13.17 5.56 4.13
N GLN A 20 -12.16 5.69 3.32
CA GLN A 20 -10.97 6.42 3.68
C GLN A 20 -10.80 7.69 2.92
N TRP A 21 -9.94 8.58 3.41
CA TRP A 21 -9.69 9.86 2.76
C TRP A 21 -8.36 9.86 2.09
N ILE A 22 -8.23 10.77 1.12
CA ILE A 22 -6.98 10.86 0.40
C ILE A 22 -6.58 12.31 0.50
N LEU A 23 -5.33 12.56 0.84
CA LEU A 23 -4.82 13.90 0.97
C LEU A 23 -4.28 14.40 -0.37
N VAL A 24 -4.85 15.49 -0.86
CA VAL A 24 -4.40 16.08 -2.14
C VAL A 24 -3.68 17.42 -1.86
N SER A 25 -2.51 17.61 -2.42
CA SER A 25 -1.76 18.86 -2.20
C SER A 25 -1.43 19.35 -3.60
N PRO A 26 -2.37 20.10 -4.16
CA PRO A 26 -2.31 20.66 -5.49
C PRO A 26 -1.25 21.60 -5.98
N HIS A 27 -0.80 22.53 -5.16
CA HIS A 27 0.23 23.46 -5.64
C HIS A 27 1.51 23.42 -4.84
N ARG A 28 1.99 22.20 -4.64
CA ARG A 28 3.21 22.03 -3.87
C ARG A 28 4.34 22.82 -4.48
N ALA A 29 5.23 23.27 -3.61
CA ALA A 29 6.37 24.05 -4.11
C ALA A 29 7.11 23.04 -4.98
N LYS A 30 7.60 23.54 -6.11
CA LYS A 30 8.32 22.71 -7.06
C LYS A 30 9.84 22.83 -6.98
N ARG A 31 10.51 21.68 -7.15
CA ARG A 31 11.95 21.64 -7.09
C ARG A 31 12.48 22.19 -8.38
N PRO A 32 13.70 22.72 -8.30
CA PRO A 32 14.38 23.32 -9.45
C PRO A 32 14.50 22.35 -10.60
N TRP A 33 14.27 22.87 -11.81
CA TRP A 33 14.34 22.05 -13.00
C TRP A 33 15.73 21.47 -13.07
N GLU A 34 15.80 20.15 -13.06
CA GLU A 34 17.11 19.48 -13.10
C GLU A 34 17.59 19.23 -14.52
N GLY A 35 16.63 19.29 -15.43
CA GLY A 35 16.98 19.08 -16.82
C GLY A 35 15.86 18.23 -17.42
N ALA A 36 16.06 17.84 -18.68
CA ALA A 36 15.09 17.04 -19.43
C ALA A 36 14.88 15.62 -18.87
N VAL A 44 12.73 -4.42 -28.22
CA VAL A 44 11.84 -5.41 -28.83
C VAL A 44 11.95 -6.87 -28.37
N LEU A 45 10.80 -7.52 -28.36
CA LEU A 45 10.76 -8.92 -27.90
C LEU A 45 10.38 -9.90 -29.02
N PRO A 46 10.77 -11.17 -28.85
CA PRO A 46 10.43 -12.22 -29.82
C PRO A 46 8.96 -12.64 -29.54
N ALA A 47 8.26 -13.23 -30.51
CA ALA A 47 6.88 -13.66 -30.35
C ALA A 47 6.86 -15.00 -29.66
N HIS A 48 8.03 -15.63 -29.56
CA HIS A 48 8.17 -16.92 -28.93
C HIS A 48 9.54 -17.02 -28.21
N ASP A 49 9.57 -17.34 -26.92
CA ASP A 49 10.81 -17.46 -26.19
C ASP A 49 10.94 -18.91 -25.67
N PRO A 50 12.01 -19.55 -26.14
CA PRO A 50 12.38 -20.93 -25.83
C PRO A 50 12.45 -21.22 -24.36
N ASP A 51 12.78 -20.22 -23.55
CA ASP A 51 12.88 -20.48 -22.11
C ASP A 51 11.67 -20.03 -21.34
N CYS A 52 10.79 -19.27 -21.99
CA CYS A 52 9.59 -18.77 -21.31
C CYS A 52 8.66 -19.87 -20.80
N PHE A 53 8.37 -19.91 -19.51
CA PHE A 53 7.49 -20.94 -18.98
C PHE A 53 6.05 -20.75 -19.34
N LEU A 54 5.72 -19.61 -19.93
CA LEU A 54 4.34 -19.31 -20.32
C LEU A 54 4.11 -19.49 -21.81
N CYS A 55 5.20 -19.61 -22.55
CA CYS A 55 5.05 -19.80 -23.99
C CYS A 55 4.45 -21.16 -24.40
N ALA A 56 3.76 -21.20 -25.55
CA ALA A 56 3.13 -22.42 -26.04
C ALA A 56 4.18 -23.49 -26.35
N GLY A 57 3.82 -24.75 -26.06
CA GLY A 57 4.79 -25.81 -26.35
C GLY A 57 6.00 -25.93 -25.45
N ASN A 58 6.14 -25.05 -24.48
CA ASN A 58 7.29 -25.09 -23.56
C ASN A 58 6.99 -25.86 -22.29
N VAL A 59 8.06 -26.21 -21.57
CA VAL A 59 7.93 -26.96 -20.33
C VAL A 59 8.04 -26.03 -19.16
N ARG A 60 7.13 -26.21 -18.22
CA ARG A 60 7.11 -25.37 -17.03
C ARG A 60 8.16 -25.91 -16.04
N VAL A 61 8.55 -25.03 -15.10
CA VAL A 61 9.54 -25.39 -14.10
C VAL A 61 9.22 -26.72 -13.43
N THR A 62 7.94 -27.08 -13.48
CA THR A 62 7.49 -28.32 -12.87
C THR A 62 7.58 -29.56 -13.74
N GLY A 63 7.80 -29.39 -15.04
CA GLY A 63 7.88 -30.53 -15.92
C GLY A 63 6.64 -30.64 -16.82
N ASP A 64 5.49 -30.06 -16.44
CA ASP A 64 4.23 -30.09 -17.21
C ASP A 64 4.51 -29.24 -18.45
N LYS A 65 4.06 -29.75 -19.58
CA LYS A 65 4.27 -29.04 -20.82
C LYS A 65 3.04 -28.22 -21.19
N ASN A 66 3.27 -27.01 -21.72
CA ASN A 66 2.11 -26.19 -22.10
C ASN A 66 1.69 -26.65 -23.49
N PRO A 67 0.38 -26.65 -23.74
CA PRO A 67 -0.06 -27.09 -25.08
C PRO A 67 0.34 -26.06 -26.11
N ASP A 68 0.07 -26.40 -27.37
CA ASP A 68 0.38 -25.54 -28.52
C ASP A 68 -0.85 -24.64 -28.71
N TYR A 69 -1.20 -23.93 -27.64
CA TYR A 69 -2.34 -23.05 -27.64
C TYR A 69 -2.27 -21.90 -28.61
N THR A 70 -3.44 -21.48 -29.12
CA THR A 70 -3.45 -20.38 -30.06
C THR A 70 -4.14 -19.13 -29.55
N GLY A 71 -4.92 -19.26 -28.50
CA GLY A 71 -5.61 -18.07 -27.95
C GLY A 71 -5.16 -17.94 -26.50
N THR A 72 -6.09 -18.01 -25.58
CA THR A 72 -5.75 -17.91 -24.17
C THR A 72 -5.47 -19.32 -23.68
N TYR A 73 -4.84 -19.42 -22.50
CA TYR A 73 -4.57 -20.75 -21.98
C TYR A 73 -4.61 -20.53 -20.48
N VAL A 74 -5.35 -21.36 -19.76
CA VAL A 74 -5.44 -21.26 -18.31
C VAL A 74 -4.97 -22.55 -17.66
N PHE A 75 -4.14 -22.42 -16.65
CA PHE A 75 -3.64 -23.60 -15.93
C PHE A 75 -3.59 -23.26 -14.46
N THR A 76 -3.61 -24.28 -13.61
CA THR A 76 -3.56 -24.09 -12.16
C THR A 76 -2.13 -23.68 -11.79
N ASN A 77 -2.01 -22.68 -10.93
CA ASN A 77 -0.71 -22.17 -10.51
C ASN A 77 0.08 -23.29 -9.88
N ASP A 78 1.27 -23.50 -10.43
CA ASP A 78 2.14 -24.55 -9.93
C ASP A 78 2.50 -24.29 -8.50
N PHE A 79 2.49 -23.03 -8.09
CA PHE A 79 2.82 -22.66 -6.71
C PHE A 79 1.67 -21.94 -6.04
N ALA A 80 0.49 -22.54 -6.07
CA ALA A 80 -0.67 -21.96 -5.50
C ALA A 80 -0.52 -21.64 -4.04
N ALA A 81 -0.94 -20.45 -3.65
CA ALA A 81 -0.87 -20.00 -2.28
C ALA A 81 -2.02 -20.57 -1.49
N LEU A 82 -3.09 -21.01 -2.15
CA LEU A 82 -4.26 -21.56 -1.46
C LEU A 82 -4.57 -22.94 -2.05
N MET A 83 -5.29 -23.73 -1.28
CA MET A 83 -5.67 -25.08 -1.71
C MET A 83 -7.08 -25.30 -1.37
N SER A 84 -7.74 -26.16 -2.13
CA SER A 84 -9.14 -26.43 -1.86
C SER A 84 -9.50 -27.34 -0.71
N ASP A 85 -8.55 -28.10 -0.18
CA ASP A 85 -8.85 -29.00 0.92
C ASP A 85 -8.18 -28.72 2.28
N THR A 86 -7.80 -27.48 2.50
CA THR A 86 -7.16 -27.12 3.73
C THR A 86 -8.05 -27.34 4.91
N PRO A 87 -7.47 -27.86 6.02
CA PRO A 87 -8.24 -28.10 7.24
C PRO A 87 -8.56 -26.73 7.85
N ASP A 88 -9.66 -26.66 8.58
CA ASP A 88 -10.12 -25.44 9.26
C ASP A 88 -9.31 -24.98 10.50
N ALA A 89 -9.08 -23.69 10.66
CA ALA A 89 -8.31 -23.18 11.78
C ALA A 89 -9.35 -23.22 12.90
N PRO A 90 -8.89 -23.44 14.14
CA PRO A 90 -9.80 -23.49 15.29
C PRO A 90 -10.57 -22.19 15.54
N GLU A 91 -11.78 -22.35 16.07
CA GLU A 91 -12.66 -21.24 16.38
C GLU A 91 -12.11 -20.51 17.61
N SER A 92 -11.86 -19.21 17.45
CA SER A 92 -11.34 -18.41 18.56
C SER A 92 -12.01 -17.04 18.66
N HIS A 93 -12.20 -16.55 19.88
CA HIS A 93 -12.81 -15.25 20.11
C HIS A 93 -11.72 -14.31 20.68
N ASP A 94 -10.49 -14.82 20.76
CA ASP A 94 -9.32 -14.10 21.26
C ASP A 94 -9.28 -12.72 20.64
N PRO A 95 -9.49 -11.68 21.46
CA PRO A 95 -9.48 -10.29 20.96
C PRO A 95 -8.13 -9.88 20.40
N LEU A 96 -7.08 -10.59 20.76
CA LEU A 96 -5.75 -10.25 20.27
C LEU A 96 -5.04 -11.14 19.28
N MET A 97 -5.18 -12.43 19.48
CA MET A 97 -4.49 -13.29 18.53
C MET A 97 -5.48 -14.29 18.06
N ARG A 98 -5.97 -14.04 16.84
CA ARG A 98 -6.96 -14.96 16.29
C ARG A 98 -6.77 -15.19 14.80
N CYS A 99 -7.16 -16.39 14.40
CA CYS A 99 -7.03 -16.75 13.01
C CYS A 99 -8.33 -17.36 12.48
N GLN A 100 -8.42 -17.51 11.18
CA GLN A 100 -9.58 -18.09 10.49
C GLN A 100 -9.03 -18.93 9.33
N SER A 101 -9.89 -19.84 8.87
CA SER A 101 -9.49 -20.76 7.82
C SER A 101 -9.38 -20.07 6.46
N ALA A 102 -8.65 -20.70 5.54
CA ALA A 102 -8.50 -20.16 4.22
C ALA A 102 -8.39 -21.25 3.17
N ARG A 103 -9.34 -21.27 2.25
CA ARG A 103 -9.31 -22.24 1.17
C ARG A 103 -9.47 -21.51 -0.16
N GLY A 104 -8.98 -22.07 -1.27
CA GLY A 104 -9.12 -21.46 -2.56
C GLY A 104 -8.25 -22.13 -3.53
N THR A 105 -8.01 -21.49 -4.65
CA THR A 105 -7.17 -22.01 -5.68
C THR A 105 -6.68 -20.84 -6.52
N SER A 106 -5.67 -21.06 -7.35
CA SER A 106 -5.17 -19.96 -8.17
C SER A 106 -4.85 -20.48 -9.54
N ARG A 107 -5.16 -19.70 -10.57
CA ARG A 107 -4.89 -20.10 -11.97
C ARG A 107 -4.21 -18.95 -12.72
N VAL A 108 -3.42 -19.29 -13.72
CA VAL A 108 -2.69 -18.28 -14.53
C VAL A 108 -3.41 -18.32 -15.86
N ILE A 109 -3.56 -17.16 -16.49
CA ILE A 109 -4.22 -17.02 -17.77
C ILE A 109 -3.27 -16.41 -18.75
N CYS A 110 -2.89 -17.13 -19.79
CA CYS A 110 -1.98 -16.60 -20.77
C CYS A 110 -2.94 -15.88 -21.71
N PHE A 111 -2.65 -14.61 -21.97
CA PHE A 111 -3.53 -13.83 -22.84
C PHE A 111 -3.47 -14.23 -24.31
N SER A 112 -2.29 -14.65 -24.73
CA SER A 112 -2.11 -15.07 -26.10
C SER A 112 -0.77 -15.76 -26.19
N PRO A 113 -0.50 -16.46 -27.31
CA PRO A 113 0.79 -17.13 -27.39
C PRO A 113 1.89 -16.21 -27.71
N ASP A 114 1.53 -15.04 -28.22
CA ASP A 114 2.59 -14.07 -28.56
C ASP A 114 3.26 -13.51 -27.31
N HIS A 115 4.51 -13.91 -27.10
CA HIS A 115 5.27 -13.48 -25.95
C HIS A 115 5.54 -11.98 -25.86
N SER A 116 5.36 -11.27 -26.96
CA SER A 116 5.63 -9.83 -26.94
C SER A 116 4.43 -8.92 -27.07
N LYS A 117 3.24 -9.46 -27.17
CA LYS A 117 2.09 -8.62 -27.28
C LYS A 117 1.24 -8.41 -26.02
N THR A 118 1.33 -7.21 -25.45
CA THR A 118 0.57 -6.83 -24.27
C THR A 118 -0.86 -6.44 -24.69
N LEU A 119 -1.79 -6.30 -23.74
CA LEU A 119 -3.17 -5.95 -24.01
C LEU A 119 -3.48 -4.88 -25.03
N PRO A 120 -2.88 -3.69 -24.98
CA PRO A 120 -3.21 -2.67 -25.98
C PRO A 120 -2.73 -3.00 -27.40
N GLU A 121 -1.85 -3.98 -27.52
CA GLU A 121 -1.35 -4.37 -28.82
C GLU A 121 -2.09 -5.56 -29.37
N LEU A 122 -3.07 -6.11 -28.66
CA LEU A 122 -3.85 -7.24 -29.13
C LEU A 122 -5.08 -6.72 -29.87
N SER A 123 -5.60 -7.51 -30.81
CA SER A 123 -6.76 -7.07 -31.53
C SER A 123 -7.99 -7.17 -30.71
N VAL A 124 -9.03 -6.49 -31.13
CA VAL A 124 -10.31 -6.53 -30.41
C VAL A 124 -10.80 -7.97 -30.35
N ALA A 125 -10.56 -8.75 -31.40
CA ALA A 125 -11.03 -10.14 -31.37
C ALA A 125 -10.29 -10.92 -30.30
N ALA A 126 -8.99 -10.69 -30.23
CA ALA A 126 -8.18 -11.40 -29.22
C ALA A 126 -8.61 -10.93 -27.82
N LEU A 127 -8.88 -9.64 -27.63
CA LEU A 127 -9.32 -9.12 -26.33
C LEU A 127 -10.67 -9.69 -25.96
N THR A 128 -11.54 -9.91 -26.94
CA THR A 128 -12.88 -10.45 -26.65
C THR A 128 -12.74 -11.90 -26.11
N GLU A 129 -11.74 -12.63 -26.62
CA GLU A 129 -11.52 -13.98 -26.17
C GLU A 129 -11.05 -13.96 -24.75
N ILE A 130 -10.26 -12.95 -24.39
CA ILE A 130 -9.79 -12.82 -23.00
C ILE A 130 -10.99 -12.57 -22.12
N VAL A 131 -11.90 -11.66 -22.52
CA VAL A 131 -13.05 -11.41 -21.69
C VAL A 131 -13.86 -12.69 -21.54
N LYS A 132 -13.98 -13.45 -22.63
CA LYS A 132 -14.74 -14.73 -22.63
C LYS A 132 -14.12 -15.71 -21.63
N THR A 133 -12.81 -15.77 -21.62
CA THR A 133 -12.13 -16.62 -20.66
C THR A 133 -12.32 -16.11 -19.22
N TRP A 134 -12.31 -14.80 -18.97
CA TRP A 134 -12.54 -14.29 -17.61
C TRP A 134 -13.93 -14.70 -17.18
N GLN A 135 -14.90 -14.60 -18.10
CA GLN A 135 -16.26 -15.00 -17.70
C GLN A 135 -16.38 -16.50 -17.37
N GLU A 136 -15.81 -17.35 -18.23
CA GLU A 136 -15.83 -18.81 -18.06
C GLU A 136 -15.21 -19.21 -16.74
N GLN A 137 -14.03 -18.67 -16.42
CA GLN A 137 -13.32 -18.97 -15.16
C GLN A 137 -14.06 -18.44 -13.98
N THR A 138 -14.65 -17.26 -14.11
CA THR A 138 -15.36 -16.73 -12.97
C THR A 138 -16.61 -17.57 -12.79
N ALA A 139 -17.33 -17.96 -13.84
CA ALA A 139 -18.55 -18.78 -13.61
C ALA A 139 -18.21 -20.12 -12.96
N GLU A 140 -17.14 -20.75 -13.44
CA GLU A 140 -16.75 -22.04 -12.90
C GLU A 140 -16.36 -21.94 -11.43
N LEU A 141 -15.43 -21.03 -11.09
CA LEU A 141 -15.04 -20.91 -9.67
C LEU A 141 -16.12 -20.44 -8.74
N GLY A 142 -16.99 -19.56 -9.21
CA GLY A 142 -18.07 -19.05 -8.39
C GLY A 142 -19.02 -20.10 -7.88
N LYS A 143 -19.00 -21.25 -8.53
CA LYS A 143 -19.88 -22.32 -8.11
C LYS A 143 -19.43 -22.86 -6.77
N THR A 144 -18.13 -22.77 -6.49
CA THR A 144 -17.60 -23.26 -5.23
C THR A 144 -17.12 -22.15 -4.28
N TYR A 145 -16.56 -21.07 -4.83
CA TYR A 145 -16.07 -20.00 -3.98
C TYR A 145 -16.82 -18.71 -4.14
N PRO A 146 -17.10 -18.05 -3.02
CA PRO A 146 -17.84 -16.78 -2.99
C PRO A 146 -17.08 -15.61 -3.59
N TRP A 147 -15.76 -15.65 -3.56
CA TRP A 147 -15.00 -14.55 -4.13
C TRP A 147 -14.02 -15.03 -5.14
N VAL A 148 -14.12 -14.45 -6.34
CA VAL A 148 -13.23 -14.77 -7.46
C VAL A 148 -12.56 -13.46 -7.79
N GLN A 149 -11.25 -13.50 -7.87
CA GLN A 149 -10.50 -12.27 -8.17
C GLN A 149 -9.64 -12.41 -9.38
N VAL A 150 -10.06 -11.70 -10.42
CA VAL A 150 -9.31 -11.70 -11.67
C VAL A 150 -8.41 -10.46 -11.57
N PHE A 151 -7.13 -10.62 -11.89
CA PHE A 151 -6.23 -9.52 -11.84
C PHE A 151 -5.11 -9.69 -12.79
N GLU A 152 -4.29 -8.66 -12.90
CA GLU A 152 -3.15 -8.68 -13.76
C GLU A 152 -2.08 -7.81 -13.13
N ASN A 153 -0.85 -8.28 -13.05
CA ASN A 153 0.27 -7.50 -12.48
C ASN A 153 1.16 -7.39 -13.66
N LYS A 154 1.37 -6.17 -14.11
CA LYS A 154 2.22 -6.03 -15.27
C LYS A 154 3.46 -5.18 -15.06
N GLY A 155 4.56 -5.61 -15.65
CA GLY A 155 5.81 -4.87 -15.58
C GLY A 155 6.76 -5.16 -14.45
N ALA A 156 8.03 -4.86 -14.70
CA ALA A 156 9.07 -5.08 -13.68
C ALA A 156 8.89 -4.17 -12.45
N ALA A 157 8.36 -2.97 -12.69
CA ALA A 157 8.14 -2.04 -11.59
C ALA A 157 7.15 -2.68 -10.59
N MET A 158 6.44 -3.71 -11.04
CA MET A 158 5.46 -4.44 -10.23
C MET A 158 6.02 -5.81 -9.78
N GLY A 159 7.27 -6.11 -10.16
CA GLY A 159 7.94 -7.35 -9.82
C GLY A 159 7.92 -8.49 -10.80
N CYS A 160 7.59 -8.21 -12.04
CA CYS A 160 7.52 -9.24 -13.09
C CYS A 160 8.78 -9.31 -13.92
N SER A 161 9.48 -10.44 -13.83
CA SER A 161 10.73 -10.65 -14.58
C SER A 161 10.41 -11.30 -15.94
N ASN A 162 9.24 -11.93 -15.98
CA ASN A 162 8.77 -12.60 -17.18
C ASN A 162 7.73 -11.66 -17.81
N PRO A 163 8.06 -11.09 -18.96
CA PRO A 163 7.13 -10.20 -19.67
C PRO A 163 6.01 -10.88 -20.43
N HIS A 164 5.96 -12.22 -20.44
CA HIS A 164 4.87 -12.89 -21.17
C HIS A 164 3.57 -12.30 -20.63
N PRO A 165 2.76 -11.73 -21.53
CA PRO A 165 1.53 -11.16 -21.02
C PRO A 165 0.59 -12.22 -20.44
N HIS A 166 0.18 -12.00 -19.19
CA HIS A 166 -0.72 -12.95 -18.56
C HIS A 166 -1.33 -12.36 -17.34
N GLY A 167 -2.39 -12.98 -16.87
CA GLY A 167 -3.10 -12.53 -15.68
C GLY A 167 -3.29 -13.70 -14.77
N GLN A 168 -4.03 -13.49 -13.69
CA GLN A 168 -4.24 -14.57 -12.75
C GLN A 168 -5.62 -14.45 -12.25
N ILE A 169 -6.08 -15.57 -11.71
CA ILE A 169 -7.41 -15.62 -11.18
C ILE A 169 -7.36 -16.40 -9.88
N TRP A 170 -7.71 -15.74 -8.78
CA TRP A 170 -7.70 -16.41 -7.50
C TRP A 170 -9.10 -16.57 -7.01
N ALA A 171 -9.41 -17.71 -6.37
CA ALA A 171 -10.73 -17.96 -5.84
C ALA A 171 -10.54 -18.09 -4.33
N ASN A 172 -11.43 -17.51 -3.54
CA ASN A 172 -11.34 -17.54 -2.07
C ASN A 172 -12.57 -18.06 -1.43
N SER A 173 -12.42 -18.77 -0.29
CA SER A 173 -13.56 -19.31 0.39
C SER A 173 -14.12 -18.26 1.32
N PHE A 174 -13.45 -17.12 1.36
CA PHE A 174 -13.89 -16.02 2.23
C PHE A 174 -13.87 -14.71 1.40
N LEU A 175 -14.37 -13.63 1.99
CA LEU A 175 -14.35 -12.35 1.26
C LEU A 175 -13.09 -11.65 1.75
N PRO A 176 -12.11 -11.42 0.88
CA PRO A 176 -10.92 -10.72 1.37
C PRO A 176 -11.28 -9.30 1.82
N ASN A 177 -10.34 -8.65 2.48
CA ASN A 177 -10.51 -7.30 3.02
C ASN A 177 -11.24 -6.25 2.11
N GLU A 178 -10.68 -6.01 0.93
CA GLU A 178 -11.24 -5.02 -0.02
C GLU A 178 -12.66 -5.38 -0.39
N ALA A 179 -12.89 -6.66 -0.62
CA ALA A 179 -14.23 -7.11 -1.00
C ALA A 179 -15.26 -6.95 0.06
N GLU A 180 -14.93 -7.32 1.29
CA GLU A 180 -15.91 -7.17 2.34
C GLU A 180 -16.23 -5.72 2.59
N ARG A 181 -15.18 -4.91 2.54
CA ARG A 181 -15.40 -3.47 2.76
C ARG A 181 -16.22 -2.85 1.60
N GLU A 182 -15.86 -3.14 0.35
CA GLU A 182 -16.65 -2.58 -0.76
C GLU A 182 -18.09 -3.08 -0.68
N ASP A 183 -18.26 -4.34 -0.31
CA ASP A 183 -19.62 -4.90 -0.21
C ASP A 183 -20.42 -4.17 0.83
N ARG A 184 -19.87 -3.99 2.03
CA ARG A 184 -20.58 -3.31 3.10
C ARG A 184 -20.99 -1.85 2.76
N LEU A 185 -20.00 -1.10 2.26
CA LEU A 185 -20.19 0.31 1.91
C LEU A 185 -21.18 0.47 0.80
N GLN A 186 -21.12 -0.44 -0.16
CA GLN A 186 -22.08 -0.37 -1.25
C GLN A 186 -23.50 -0.69 -0.73
N LYS A 187 -23.60 -1.64 0.21
CA LYS A 187 -24.89 -2.06 0.78
C LYS A 187 -25.51 -0.90 1.53
N GLU A 188 -24.69 -0.22 2.32
CA GLU A 188 -25.21 0.88 3.09
C GLU A 188 -25.73 1.96 2.18
N TYR A 189 -24.93 2.28 1.18
CA TYR A 189 -25.35 3.32 0.25
C TYR A 189 -26.64 2.95 -0.38
N PHE A 190 -26.71 1.72 -0.87
CA PHE A 190 -27.96 1.29 -1.51
C PHE A 190 -29.17 1.33 -0.61
N ALA A 191 -29.00 0.95 0.65
CA ALA A 191 -30.12 0.94 1.60
C ALA A 191 -30.71 2.34 1.82
N GLU A 192 -29.84 3.34 1.88
CA GLU A 192 -30.29 4.70 2.08
C GLU A 192 -30.73 5.42 0.83
N GLN A 193 -29.98 5.23 -0.26
CA GLN A 193 -30.27 5.87 -1.53
C GLN A 193 -31.14 5.20 -2.53
N LYS A 194 -31.29 3.91 -2.38
CA LYS A 194 -32.12 3.10 -3.29
C LYS A 194 -31.59 3.01 -4.72
N SER A 195 -30.30 3.27 -4.91
CA SER A 195 -29.67 3.21 -6.21
C SER A 195 -28.24 2.75 -5.95
N PRO A 196 -27.64 2.03 -6.87
CA PRO A 196 -26.27 1.55 -6.61
C PRO A 196 -25.29 2.71 -6.69
N MET A 197 -24.42 2.77 -5.70
CA MET A 197 -23.43 3.82 -5.59
C MET A 197 -22.69 4.16 -6.84
N LEU A 198 -22.10 3.16 -7.50
CA LEU A 198 -21.34 3.37 -8.70
C LEU A 198 -22.15 3.73 -9.96
N VAL A 199 -23.41 3.38 -9.97
CA VAL A 199 -24.30 3.70 -11.10
C VAL A 199 -24.56 5.22 -10.97
N ASP A 200 -24.83 5.71 -9.77
CA ASP A 200 -25.05 7.12 -9.58
C ASP A 200 -23.77 7.84 -9.89
N TYR A 201 -22.62 7.30 -9.53
CA TYR A 201 -21.33 7.91 -9.79
C TYR A 201 -21.10 8.02 -11.30
N VAL A 202 -21.43 6.96 -12.07
CA VAL A 202 -21.22 7.00 -13.51
C VAL A 202 -22.04 8.19 -14.08
N GLN A 203 -23.25 8.35 -13.61
CA GLN A 203 -24.11 9.43 -14.08
C GLN A 203 -23.49 10.78 -13.83
N ARG A 204 -22.95 10.97 -12.63
CA ARG A 204 -22.31 12.23 -12.32
C ARG A 204 -21.11 12.48 -13.13
N GLU A 205 -20.32 11.47 -13.37
CA GLU A 205 -19.11 11.66 -14.20
C GLU A 205 -19.44 11.95 -15.64
N LEU A 206 -20.48 11.33 -16.18
CA LEU A 206 -20.87 11.56 -17.56
C LEU A 206 -21.34 13.01 -17.74
N ALA A 207 -21.93 13.63 -16.72
CA ALA A 207 -22.40 15.01 -16.81
C ALA A 207 -21.28 15.97 -16.64
N ASP A 208 -20.24 15.57 -15.95
CA ASP A 208 -19.07 16.41 -15.69
C ASP A 208 -17.99 16.36 -16.77
N GLY A 209 -17.36 15.21 -16.95
CA GLY A 209 -16.33 15.02 -17.93
C GLY A 209 -14.91 15.41 -17.60
N SER A 210 -14.71 16.14 -16.50
CA SER A 210 -13.35 16.51 -16.22
C SER A 210 -12.39 15.41 -15.86
N ARG A 211 -12.91 14.27 -15.40
CA ARG A 211 -12.05 13.12 -15.02
C ARG A 211 -12.18 11.95 -15.99
N THR A 212 -12.94 12.17 -17.07
CA THR A 212 -13.13 11.13 -18.05
C THR A 212 -11.89 10.86 -18.92
N VAL A 213 -11.56 9.58 -19.15
CA VAL A 213 -10.43 9.23 -19.97
C VAL A 213 -10.84 8.45 -21.22
N VAL A 214 -11.81 7.57 -21.07
CA VAL A 214 -12.27 6.80 -22.18
C VAL A 214 -13.74 6.64 -22.08
N GLU A 215 -14.47 6.86 -23.18
CA GLU A 215 -15.93 6.70 -23.12
C GLU A 215 -16.38 5.87 -24.34
N THR A 216 -17.04 4.74 -24.16
CA THR A 216 -17.45 3.97 -25.34
C THR A 216 -18.97 3.87 -25.16
N GLU A 217 -19.63 3.14 -26.09
CA GLU A 217 -21.04 3.07 -25.88
C GLU A 217 -21.50 2.44 -24.58
N HIS A 218 -20.78 1.42 -24.10
CA HIS A 218 -21.23 0.79 -22.87
C HIS A 218 -20.26 0.91 -21.68
N TRP A 219 -19.12 1.52 -21.94
CA TRP A 219 -18.12 1.67 -20.88
C TRP A 219 -17.61 3.09 -20.64
N LEU A 220 -17.18 3.29 -19.39
CA LEU A 220 -16.65 4.61 -19.02
C LEU A 220 -15.42 4.40 -18.17
N ALA A 221 -14.33 5.04 -18.51
CA ALA A 221 -13.14 4.88 -17.65
C ALA A 221 -12.85 6.32 -17.18
N VAL A 222 -12.70 6.52 -15.87
CA VAL A 222 -12.35 7.84 -15.34
C VAL A 222 -11.20 7.71 -14.37
N VAL A 223 -10.58 8.83 -14.00
CA VAL A 223 -9.50 8.87 -13.00
C VAL A 223 -10.52 9.23 -11.93
N PRO A 224 -10.81 8.33 -10.97
CA PRO A 224 -11.82 8.67 -9.98
C PRO A 224 -11.55 9.88 -9.13
N TYR A 225 -12.62 10.51 -8.67
CA TYR A 225 -12.48 11.70 -7.85
C TYR A 225 -11.53 11.45 -6.69
N TRP A 226 -11.64 10.27 -6.10
CA TRP A 226 -10.80 9.84 -4.95
C TRP A 226 -9.56 9.04 -5.27
N ALA A 227 -9.06 9.13 -6.50
CA ALA A 227 -7.89 8.40 -6.93
C ALA A 227 -6.70 8.60 -5.97
N ALA A 228 -5.99 7.52 -5.70
CA ALA A 228 -4.85 7.59 -4.80
C ALA A 228 -3.60 7.56 -5.64
N TRP A 229 -3.46 6.70 -6.65
CA TRP A 229 -2.25 6.63 -7.45
C TRP A 229 -2.35 7.68 -8.54
N PRO A 230 -1.20 8.19 -9.00
CA PRO A 230 -1.19 9.23 -10.02
C PRO A 230 -2.17 9.08 -11.15
N PHE A 231 -1.94 8.04 -11.92
CA PHE A 231 -2.84 7.84 -13.05
C PHE A 231 -3.81 6.72 -12.89
N GLU A 232 -4.24 6.51 -11.65
CA GLU A 232 -5.19 5.44 -11.41
C GLU A 232 -6.54 5.66 -12.15
N THR A 233 -7.14 4.59 -12.66
CA THR A 233 -8.41 4.70 -13.34
C THR A 233 -9.38 3.71 -12.75
N LEU A 234 -10.64 3.96 -13.01
CA LEU A 234 -11.72 3.13 -12.54
C LEU A 234 -12.55 2.89 -13.84
N LEU A 235 -12.71 1.65 -14.22
CA LEU A 235 -13.45 1.30 -15.45
C LEU A 235 -14.75 0.67 -15.04
N LEU A 236 -15.83 1.30 -15.49
CA LEU A 236 -17.18 0.86 -15.15
C LEU A 236 -18.15 0.78 -16.34
N PRO A 237 -19.08 -0.17 -16.24
CA PRO A 237 -20.04 -0.27 -17.36
C PRO A 237 -21.07 0.84 -17.06
N LYS A 238 -21.72 1.35 -18.11
CA LYS A 238 -22.72 2.43 -17.95
C LYS A 238 -24.05 1.90 -17.42
N ALA A 239 -24.34 0.62 -17.64
CA ALA A 239 -25.58 0.05 -17.13
C ALA A 239 -25.29 -0.72 -15.85
N HIS A 240 -26.29 -1.03 -15.08
CA HIS A 240 -26.14 -1.78 -13.85
C HIS A 240 -25.79 -3.24 -14.22
N VAL A 241 -24.61 -3.73 -13.86
CA VAL A 241 -24.11 -5.07 -14.13
C VAL A 241 -23.52 -5.57 -12.80
N LEU A 242 -23.93 -6.76 -12.35
CA LEU A 242 -23.39 -7.27 -11.08
C LEU A 242 -22.10 -8.00 -11.21
N ARG A 243 -21.92 -8.84 -12.22
CA ARG A 243 -20.68 -9.61 -12.40
C ARG A 243 -20.27 -9.68 -13.85
N ILE A 244 -19.02 -10.03 -14.09
CA ILE A 244 -18.50 -10.11 -15.44
C ILE A 244 -19.26 -11.09 -16.29
N THR A 245 -19.84 -12.08 -15.62
CA THR A 245 -20.60 -13.14 -16.27
C THR A 245 -21.93 -12.65 -16.75
N ASP A 246 -22.36 -11.47 -16.35
CA ASP A 246 -23.64 -10.98 -16.79
C ASP A 246 -23.59 -10.05 -17.97
N LEU A 247 -22.40 -9.80 -18.50
CA LEU A 247 -22.35 -8.90 -19.65
C LEU A 247 -23.01 -9.52 -20.92
N THR A 248 -23.72 -8.67 -21.65
CA THR A 248 -24.34 -9.12 -22.88
C THR A 248 -23.17 -9.21 -23.85
N ASP A 249 -23.37 -9.85 -25.00
CA ASP A 249 -22.32 -9.99 -25.99
C ASP A 249 -21.82 -8.66 -26.50
N ALA A 250 -22.74 -7.69 -26.62
CA ALA A 250 -22.44 -6.36 -27.10
C ALA A 250 -21.59 -5.61 -26.05
N GLN A 251 -21.94 -5.75 -24.78
CA GLN A 251 -21.17 -5.10 -23.72
C GLN A 251 -19.76 -5.75 -23.67
N ARG A 252 -19.70 -7.05 -23.93
CA ARG A 252 -18.44 -7.76 -23.92
C ARG A 252 -17.53 -7.32 -25.01
N SER A 253 -18.00 -7.28 -26.26
CA SER A 253 -17.18 -6.86 -27.38
C SER A 253 -16.74 -5.39 -27.19
N ASP A 254 -17.62 -4.59 -26.59
CA ASP A 254 -17.33 -3.17 -26.36
C ASP A 254 -16.29 -3.03 -25.26
N LEU A 255 -16.32 -3.90 -24.26
CA LEU A 255 -15.34 -3.88 -23.17
C LEU A 255 -13.96 -4.12 -23.77
N ALA A 256 -13.89 -5.00 -24.75
CA ALA A 256 -12.61 -5.28 -25.39
C ALA A 256 -12.07 -3.98 -26.05
N LEU A 257 -13.00 -3.20 -26.63
CA LEU A 257 -12.63 -1.93 -27.28
C LEU A 257 -12.13 -0.90 -26.21
N ALA A 258 -12.89 -0.77 -25.11
CA ALA A 258 -12.53 0.16 -24.03
C ALA A 258 -11.19 -0.19 -23.44
N LEU A 259 -10.94 -1.47 -23.26
CA LEU A 259 -9.69 -1.92 -22.70
C LEU A 259 -8.60 -1.59 -23.63
N LYS A 260 -8.81 -1.77 -24.92
CA LYS A 260 -7.76 -1.49 -25.84
C LYS A 260 -7.43 0.01 -25.83
N LYS A 261 -8.47 0.82 -25.79
CA LYS A 261 -8.26 2.30 -25.78
C LYS A 261 -7.61 2.75 -24.47
N LEU A 262 -8.12 2.30 -23.33
CA LEU A 262 -7.56 2.65 -22.04
C LEU A 262 -6.05 2.29 -21.91
N THR A 263 -5.68 1.02 -22.17
CA THR A 263 -4.30 0.55 -22.07
C THR A 263 -3.45 1.22 -23.12
N SER A 264 -3.99 1.64 -24.26
CA SER A 264 -3.16 2.33 -25.27
C SER A 264 -2.84 3.74 -24.76
N ARG A 265 -3.80 4.42 -24.12
CA ARG A 265 -3.54 5.78 -23.59
C ARG A 265 -2.47 5.60 -22.51
N TYR A 266 -2.52 4.59 -21.64
CA TYR A 266 -1.50 4.43 -20.66
C TYR A 266 -0.14 4.24 -21.29
N ASP A 267 0.01 3.38 -22.32
CA ASP A 267 1.32 3.21 -22.91
C ASP A 267 1.78 4.48 -23.69
N ASN A 268 0.84 5.27 -24.23
CA ASN A 268 1.29 6.44 -24.94
C ASN A 268 1.73 7.61 -24.07
N LEU A 269 1.31 7.56 -22.79
CA LEU A 269 1.66 8.60 -21.85
C LEU A 269 3.12 8.83 -21.81
N PHE A 270 3.93 7.80 -21.66
CA PHE A 270 5.36 7.97 -21.63
C PHE A 270 6.01 7.18 -22.75
N GLN A 271 5.21 6.72 -23.69
CA GLN A 271 5.73 5.97 -24.82
C GLN A 271 6.56 4.80 -24.37
N CYS A 272 5.92 4.02 -23.53
CA CYS A 272 6.60 2.83 -23.00
C CYS A 272 5.56 1.91 -22.47
N SER A 273 5.93 0.66 -22.22
CA SER A 273 4.95 -0.29 -21.70
C SER A 273 4.72 0.14 -20.28
N PHE A 274 3.54 0.64 -19.95
CA PHE A 274 3.15 1.15 -18.64
C PHE A 274 2.76 0.08 -17.68
N PRO A 275 3.45 0.04 -16.53
CA PRO A 275 3.12 -1.00 -15.57
C PRO A 275 1.92 -0.66 -14.71
N TYR A 276 1.32 -1.66 -14.16
CA TYR A 276 0.20 -1.43 -13.29
C TYR A 276 -0.25 -2.78 -12.76
N SER A 277 -1.19 -2.70 -11.83
CA SER A 277 -1.80 -3.84 -11.26
C SER A 277 -3.25 -3.46 -11.59
N MET A 278 -4.10 -4.38 -12.06
CA MET A 278 -5.51 -4.13 -12.36
C MET A 278 -6.33 -5.32 -11.90
N GLY A 279 -7.57 -5.11 -11.54
CA GLY A 279 -8.37 -6.23 -11.10
C GLY A 279 -9.81 -5.88 -11.21
N TRP A 280 -10.65 -6.91 -11.29
CA TRP A 280 -12.11 -6.77 -11.37
C TRP A 280 -12.77 -7.03 -10.07
N HIS A 281 -13.76 -6.22 -9.74
CA HIS A 281 -14.51 -6.39 -8.51
C HIS A 281 -15.97 -6.50 -8.90
N GLY A 282 -16.60 -7.63 -8.60
CA GLY A 282 -17.99 -7.85 -8.92
C GLY A 282 -18.71 -8.45 -7.76
N ALA A 283 -20.02 -8.60 -7.81
CA ALA A 283 -20.80 -9.18 -6.72
C ALA A 283 -20.28 -10.58 -6.38
N PRO A 284 -20.24 -10.86 -5.08
CA PRO A 284 -19.73 -12.18 -4.66
C PRO A 284 -20.78 -13.26 -4.89
N PHE A 285 -20.31 -14.51 -4.88
CA PHE A 285 -21.24 -15.63 -5.10
C PHE A 285 -21.59 -16.12 -3.72
N ASN A 286 -22.31 -15.31 -2.97
CA ASN A 286 -22.68 -15.70 -1.63
C ASN A 286 -24.15 -16.00 -1.39
N GLY A 287 -24.91 -16.12 -2.47
CA GLY A 287 -26.32 -16.41 -2.36
C GLY A 287 -27.20 -15.27 -1.89
N GLU A 288 -26.59 -14.12 -1.66
CA GLU A 288 -27.39 -13.01 -1.19
C GLU A 288 -27.89 -12.11 -2.28
N GLU A 289 -28.75 -11.17 -1.88
CA GLU A 289 -29.33 -10.21 -2.83
C GLU A 289 -28.13 -9.26 -3.00
N ASN A 290 -27.64 -9.10 -4.21
CA ASN A 290 -26.50 -8.21 -4.38
C ASN A 290 -26.76 -6.99 -5.29
N GLN A 291 -28.00 -6.51 -5.32
CA GLN A 291 -28.36 -5.41 -6.16
C GLN A 291 -27.51 -4.17 -5.93
N HIS A 292 -26.97 -4.06 -4.75
CA HIS A 292 -26.13 -2.91 -4.43
C HIS A 292 -24.80 -2.90 -5.16
N TRP A 293 -24.38 -4.01 -5.74
CA TRP A 293 -23.11 -3.99 -6.44
C TRP A 293 -23.10 -3.47 -7.87
N GLN A 294 -21.94 -3.05 -8.30
CA GLN A 294 -21.71 -2.56 -9.61
C GLN A 294 -20.34 -3.10 -10.02
N LEU A 295 -20.31 -3.90 -11.10
CA LEU A 295 -19.07 -4.45 -11.56
C LEU A 295 -18.13 -3.30 -11.95
N HIS A 296 -16.85 -3.39 -11.61
CA HIS A 296 -15.88 -2.36 -11.97
C HIS A 296 -14.48 -2.89 -11.86
N ALA A 297 -13.57 -2.22 -12.53
CA ALA A 297 -12.21 -2.64 -12.49
C ALA A 297 -11.36 -1.44 -12.07
N HIS A 298 -10.32 -1.69 -11.31
CA HIS A 298 -9.41 -0.68 -10.88
C HIS A 298 -8.10 -0.89 -11.56
N PHE A 299 -7.39 0.20 -11.91
CA PHE A 299 -6.10 0.07 -12.55
C PHE A 299 -5.24 0.90 -11.61
N TYR A 300 -4.16 0.35 -11.06
CA TYR A 300 -3.27 1.07 -10.15
C TYR A 300 -1.86 1.10 -10.66
N PRO A 301 -1.49 2.18 -11.31
CA PRO A 301 -0.15 2.30 -11.87
C PRO A 301 0.80 3.10 -11.01
N PRO A 302 2.06 2.63 -10.82
CA PRO A 302 3.04 3.36 -9.98
C PRO A 302 3.73 4.59 -10.60
N LEU A 303 3.88 4.61 -11.93
CA LEU A 303 4.52 5.71 -12.58
C LEU A 303 3.90 7.06 -12.34
N LEU A 304 4.79 8.03 -12.21
CA LEU A 304 4.30 9.39 -11.98
C LEU A 304 4.88 10.44 -12.89
N ARG A 305 6.21 10.52 -13.00
CA ARG A 305 6.76 11.57 -13.83
C ARG A 305 7.43 11.25 -15.11
N SER A 306 7.78 9.98 -15.23
CA SER A 306 8.45 9.63 -16.49
C SER A 306 8.40 8.11 -16.52
N ALA A 307 8.92 7.58 -17.63
CA ALA A 307 8.93 6.14 -17.80
C ALA A 307 9.77 5.55 -16.71
N THR A 308 10.58 6.37 -16.03
CA THR A 308 11.46 5.88 -14.96
C THR A 308 11.17 6.45 -13.57
N VAL A 309 10.46 7.57 -13.50
CA VAL A 309 10.14 8.20 -12.21
C VAL A 309 8.77 7.72 -11.70
N ARG A 310 8.84 6.95 -10.63
CA ARG A 310 7.61 6.45 -10.07
C ARG A 310 7.28 7.03 -8.71
N LYS A 311 6.05 6.69 -8.30
CA LYS A 311 5.57 7.12 -6.99
C LYS A 311 5.81 5.95 -6.04
N PHE A 312 6.36 6.28 -4.89
CA PHE A 312 6.64 5.25 -3.89
C PHE A 312 5.63 5.58 -2.78
N MET A 313 4.72 4.65 -2.52
CA MET A 313 3.71 4.88 -1.47
C MET A 313 4.35 4.46 -0.11
N VAL A 314 5.19 5.32 0.43
CA VAL A 314 5.86 5.05 1.70
C VAL A 314 5.73 6.10 2.81
N GLY A 315 6.55 5.86 3.84
CA GLY A 315 6.57 6.74 4.98
C GLY A 315 5.22 7.22 5.47
N TYR A 316 4.97 8.52 5.26
CA TYR A 316 3.72 9.13 5.69
C TYR A 316 2.53 8.36 5.11
N GLU A 317 2.70 7.91 3.86
CA GLU A 317 1.56 7.18 3.28
C GLU A 317 1.20 5.86 3.95
N MET A 318 2.18 5.14 4.49
CA MET A 318 1.96 3.85 5.17
C MET A 318 1.61 4.02 6.68
N LEU A 319 2.04 5.13 7.27
CA LEU A 319 1.79 5.42 8.67
C LEU A 319 0.58 6.32 8.91
N ALA A 320 0.11 6.97 7.86
CA ALA A 320 -1.03 7.84 8.07
C ALA A 320 -2.08 7.78 6.98
N GLU A 321 -1.75 8.33 5.82
CA GLU A 321 -2.72 8.31 4.73
C GLU A 321 -2.06 8.66 3.39
N THR A 322 -2.67 8.15 2.32
CA THR A 322 -2.12 8.42 0.99
C THR A 322 -2.16 9.95 0.70
N GLN A 323 -1.10 10.39 0.05
CA GLN A 323 -0.96 11.79 -0.33
C GLN A 323 -0.59 11.90 -1.79
N ARG A 324 -1.23 12.82 -2.52
CA ARG A 324 -0.89 12.95 -3.90
C ARG A 324 -0.60 14.40 -4.25
N ASP A 325 0.21 14.63 -5.27
CA ASP A 325 0.57 15.96 -5.74
C ASP A 325 -0.20 16.39 -6.98
N LEU A 326 -0.38 15.52 -7.93
CA LEU A 326 -1.14 15.86 -9.14
C LEU A 326 -2.57 15.56 -8.85
N THR A 327 -3.50 16.41 -9.19
CA THR A 327 -4.87 16.11 -8.92
C THR A 327 -5.46 15.09 -9.92
N ALA A 328 -6.61 14.53 -9.58
CA ALA A 328 -7.26 13.56 -10.43
C ALA A 328 -7.63 14.27 -11.71
N GLU A 329 -7.98 15.54 -11.61
CA GLU A 329 -8.34 16.31 -12.80
C GLU A 329 -7.15 16.54 -13.72
N GLN A 330 -5.98 16.85 -13.18
CA GLN A 330 -4.84 17.06 -14.01
C GLN A 330 -4.41 15.75 -14.61
N ALA A 331 -4.51 14.68 -13.84
CA ALA A 331 -4.08 13.35 -14.37
C ALA A 331 -4.99 12.97 -15.57
N ALA A 332 -6.30 13.19 -15.47
CA ALA A 332 -7.23 12.85 -16.59
C ALA A 332 -6.91 13.66 -17.86
N GLU A 333 -6.57 14.93 -17.66
CA GLU A 333 -6.26 15.81 -18.79
C GLU A 333 -5.03 15.30 -19.48
N ARG A 334 -4.03 14.82 -18.74
CA ARG A 334 -2.85 14.32 -19.36
C ARG A 334 -3.15 13.03 -20.13
N LEU A 335 -4.01 12.18 -19.59
CA LEU A 335 -4.35 10.92 -20.27
C LEU A 335 -5.21 11.25 -21.55
N ARG A 336 -6.03 12.29 -21.50
CA ARG A 336 -6.83 12.63 -22.69
C ARG A 336 -5.96 13.28 -23.79
N ALA A 337 -4.82 13.88 -23.41
CA ALA A 337 -4.00 14.51 -24.43
C ALA A 337 -3.26 13.60 -25.37
N VAL A 338 -3.13 12.33 -25.00
CA VAL A 338 -2.39 11.47 -25.93
C VAL A 338 -3.38 10.74 -26.84
N SER A 339 -2.83 9.95 -27.77
CA SER A 339 -3.67 9.18 -28.67
C SER A 339 -4.19 7.88 -28.01
N ASP A 340 -5.28 7.33 -28.50
CA ASP A 340 -5.83 6.12 -27.97
C ASP A 340 -5.48 4.93 -28.90
N ILE A 341 -4.53 5.10 -29.80
CA ILE A 341 -4.07 4.06 -30.73
C ILE A 341 -2.62 3.82 -30.28
N HIS A 342 -2.29 2.59 -29.89
CA HIS A 342 -0.94 2.29 -29.44
C HIS A 342 0.16 2.69 -30.38
N PHE A 343 1.18 3.32 -29.84
CA PHE A 343 2.30 3.77 -30.63
C PHE A 343 2.88 2.77 -31.59
N ARG A 344 2.88 1.52 -31.17
CA ARG A 344 3.43 0.49 -32.06
C ARG A 344 2.45 0.18 -33.19
N GLU A 345 1.14 0.43 -33.04
CA GLU A 345 0.19 0.14 -34.10
C GLU A 345 0.01 1.34 -35.02
N SER A 346 0.32 2.54 -34.54
CA SER A 346 0.16 3.74 -35.33
C SER A 346 1.53 3.92 -35.99
N GLY A 347 1.49 4.55 -37.15
CA GLY A 347 2.78 4.73 -37.81
C GLY A 347 3.32 6.11 -37.49
N VAL A 348 3.54 6.32 -36.19
CA VAL A 348 4.05 7.60 -35.71
C VAL A 348 5.23 7.55 -34.74
N THR B 2 -5.46 -35.56 9.68
CA THR B 2 -5.44 -34.20 9.08
C THR B 2 -6.06 -33.11 9.98
N GLN B 3 -5.23 -32.64 10.93
CA GLN B 3 -5.62 -31.59 11.87
C GLN B 3 -5.09 -30.24 11.39
N PHE B 4 -5.90 -29.19 11.62
CA PHE B 4 -5.45 -27.87 11.19
C PHE B 4 -4.10 -27.51 11.82
N ASN B 5 -3.09 -27.27 11.00
CA ASN B 5 -1.77 -26.92 11.51
C ASN B 5 -1.14 -25.65 10.97
N PRO B 6 -1.40 -24.54 11.67
CA PRO B 6 -0.90 -23.19 11.36
C PRO B 6 0.51 -23.19 10.85
N VAL B 7 1.21 -24.29 11.07
CA VAL B 7 2.58 -24.25 10.56
C VAL B 7 2.60 -24.70 9.10
N ASP B 8 1.55 -25.46 8.73
CA ASP B 8 1.48 -25.98 7.35
C ASP B 8 0.36 -25.47 6.45
N HIS B 9 -0.75 -25.20 7.12
CA HIS B 9 -1.96 -24.73 6.45
C HIS B 9 -2.20 -23.25 6.28
N PRO B 10 -2.65 -22.84 5.11
CA PRO B 10 -2.88 -21.38 4.99
C PRO B 10 -3.99 -21.02 5.92
N HIS B 11 -4.02 -19.74 6.33
CA HIS B 11 -5.07 -19.32 7.24
C HIS B 11 -4.94 -17.80 7.25
N ARG B 12 -5.87 -17.18 7.94
CA ARG B 12 -5.88 -15.73 8.05
C ARG B 12 -5.69 -15.31 9.48
N ARG B 13 -4.94 -14.23 9.70
CA ARG B 13 -4.71 -13.75 11.08
C ARG B 13 -5.26 -12.31 11.16
N TYR B 14 -5.88 -12.03 12.27
CA TYR B 14 -6.45 -10.69 12.45
C TYR B 14 -5.56 -9.65 13.06
N ASN B 15 -5.67 -8.43 12.53
CA ASN B 15 -4.87 -7.28 13.01
C ASN B 15 -5.86 -6.43 13.79
N PRO B 16 -5.77 -6.47 15.12
CA PRO B 16 -6.67 -5.69 15.98
C PRO B 16 -6.49 -4.17 15.90
N LEU B 17 -5.38 -3.69 15.36
CA LEU B 17 -5.15 -2.26 15.26
C LEU B 17 -5.82 -1.71 14.03
N THR B 18 -6.03 -2.55 13.03
CA THR B 18 -6.66 -2.10 11.81
C THR B 18 -7.95 -2.79 11.47
N GLY B 19 -8.32 -3.85 12.16
CA GLY B 19 -9.53 -4.58 11.92
C GLY B 19 -9.48 -5.36 10.59
N GLN B 20 -8.30 -5.59 10.06
CA GLN B 20 -8.16 -6.30 8.81
C GLN B 20 -7.47 -7.66 8.98
N TRP B 21 -7.71 -8.58 8.04
CA TRP B 21 -7.12 -9.93 8.11
C TRP B 21 -5.92 -10.00 7.23
N ILE B 22 -4.98 -10.88 7.54
CA ILE B 22 -3.79 -11.02 6.76
C ILE B 22 -3.82 -12.53 6.40
N LEU B 23 -3.50 -12.82 5.15
CA LEU B 23 -3.49 -14.16 4.66
C LEU B 23 -2.11 -14.73 4.76
N VAL B 24 -2.00 -15.89 5.40
CA VAL B 24 -0.69 -16.54 5.54
C VAL B 24 -0.70 -17.91 4.85
N SER B 25 0.31 -18.15 4.00
CA SER B 25 0.39 -19.42 3.29
C SER B 25 1.78 -19.89 3.67
N PRO B 26 1.85 -20.69 4.73
CA PRO B 26 3.10 -21.24 5.24
C PRO B 26 3.74 -22.36 4.43
N HIS B 27 3.02 -22.88 3.44
CA HIS B 27 3.54 -23.95 2.61
C HIS B 27 4.30 -23.41 1.42
N ARG B 28 3.92 -22.16 1.12
CA ARG B 28 4.54 -21.47 0.00
C ARG B 28 5.97 -21.10 0.39
N LEU B 45 31.02 5.95 1.67
CA LEU B 45 30.39 7.29 1.87
C LEU B 45 31.13 8.14 2.90
N PRO B 46 31.25 9.45 2.63
CA PRO B 46 31.96 10.31 3.58
C PRO B 46 31.08 10.83 4.70
N ALA B 47 31.75 11.43 5.69
CA ALA B 47 31.11 12.00 6.86
C ALA B 47 30.48 13.35 6.41
N HIS B 48 31.08 14.01 5.43
CA HIS B 48 30.54 15.28 4.93
C HIS B 48 30.46 15.26 3.43
N ASP B 49 29.32 15.66 2.90
CA ASP B 49 29.22 15.68 1.45
C ASP B 49 29.01 17.16 1.06
N PRO B 50 29.90 17.67 0.18
CA PRO B 50 29.94 19.03 -0.36
C PRO B 50 28.68 19.43 -1.13
N ASP B 51 27.89 18.45 -1.52
CA ASP B 51 26.70 18.83 -2.25
C ASP B 51 25.40 18.49 -1.56
N CYS B 52 25.52 17.68 -0.54
CA CYS B 52 24.35 17.24 0.23
C CYS B 52 23.61 18.40 0.87
N PHE B 53 22.32 18.46 0.57
CA PHE B 53 21.51 19.51 1.13
C PHE B 53 21.23 19.39 2.62
N LEU B 54 21.58 18.25 3.22
CA LEU B 54 21.34 18.07 4.64
C LEU B 54 22.57 18.15 5.47
N CYS B 55 23.66 18.29 4.76
CA CYS B 55 24.93 18.36 5.46
C CYS B 55 25.14 19.71 6.19
N ALA B 56 25.80 19.61 7.34
CA ALA B 56 26.17 20.79 8.13
C ALA B 56 26.89 21.85 7.26
N GLY B 57 26.54 23.13 7.48
CA GLY B 57 27.15 24.20 6.72
C GLY B 57 26.93 24.25 5.23
N ASN B 58 26.06 23.40 4.68
CA ASN B 58 25.82 23.42 3.25
C ASN B 58 24.59 24.27 2.98
N VAL B 59 24.45 24.64 1.73
CA VAL B 59 23.29 25.46 1.38
C VAL B 59 22.22 24.55 0.79
N ARG B 60 20.98 24.97 1.00
CA ARG B 60 19.87 24.18 0.47
C ARG B 60 19.39 24.80 -0.84
N VAL B 61 18.55 24.03 -1.53
CA VAL B 61 17.94 24.38 -2.82
C VAL B 61 17.60 25.87 -2.78
N THR B 62 16.83 26.17 -1.74
CA THR B 62 16.34 27.50 -1.48
C THR B 62 17.39 28.54 -1.22
N GLY B 63 18.64 28.12 -1.21
CA GLY B 63 19.69 29.09 -0.96
C GLY B 63 19.89 29.28 0.54
N ASP B 64 19.02 28.75 1.38
CA ASP B 64 19.17 28.89 2.82
C ASP B 64 20.43 28.07 3.17
N LYS B 65 21.15 28.48 4.22
CA LYS B 65 22.36 27.74 4.57
C LYS B 65 22.25 27.01 5.90
N ASN B 66 22.64 25.74 5.90
CA ASN B 66 22.56 24.98 7.13
C ASN B 66 23.67 25.44 8.06
N PRO B 67 23.34 25.53 9.34
CA PRO B 67 24.32 25.94 10.34
C PRO B 67 25.26 24.74 10.53
N ASP B 68 26.36 24.98 11.22
CA ASP B 68 27.30 23.91 11.46
C ASP B 68 26.71 23.22 12.66
N TYR B 69 25.60 22.56 12.44
CA TYR B 69 25.02 21.90 13.58
C TYR B 69 25.75 20.71 14.17
N THR B 70 25.37 20.48 15.41
CA THR B 70 25.91 19.38 16.16
C THR B 70 24.65 18.60 16.53
N GLY B 71 24.78 17.30 16.67
CA GLY B 71 23.62 16.53 17.02
C GLY B 71 22.59 16.63 15.88
N THR B 72 21.33 16.70 16.28
CA THR B 72 20.20 16.82 15.33
C THR B 72 20.06 18.23 14.81
N TYR B 73 19.36 18.35 13.70
CA TYR B 73 19.13 19.65 13.08
C TYR B 73 17.71 19.52 12.51
N VAL B 74 16.82 20.44 12.86
CA VAL B 74 15.47 20.39 12.37
C VAL B 74 15.12 21.66 11.60
N PHE B 75 14.51 21.52 10.43
CA PHE B 75 14.13 22.68 9.62
C PHE B 75 12.81 22.40 8.93
N THR B 76 12.11 23.48 8.60
CA THR B 76 10.83 23.33 7.92
C THR B 76 11.09 22.88 6.49
N ASN B 77 10.32 21.86 6.07
CA ASN B 77 10.49 21.33 4.73
C ASN B 77 10.23 22.41 3.69
N ASP B 78 11.19 22.59 2.79
CA ASP B 78 11.09 23.58 1.73
C ASP B 78 9.97 23.30 0.72
N PHE B 79 9.49 22.06 0.67
CA PHE B 79 8.40 21.72 -0.27
C PHE B 79 7.25 21.07 0.47
N ALA B 80 6.92 21.65 1.62
CA ALA B 80 5.87 21.15 2.45
C ALA B 80 4.57 20.96 1.72
N ALA B 81 3.92 19.83 1.96
CA ALA B 81 2.63 19.56 1.33
C ALA B 81 1.44 20.20 2.10
N LEU B 82 1.66 20.59 3.37
CA LEU B 82 0.60 21.20 4.13
C LEU B 82 1.05 22.56 4.60
N MET B 83 0.11 23.48 4.76
CA MET B 83 0.44 24.82 5.20
C MET B 83 -0.47 25.02 6.34
N SER B 84 -0.05 25.94 7.20
CA SER B 84 -0.87 26.21 8.38
C SER B 84 -2.09 27.10 8.23
N ASP B 85 -2.16 27.80 7.12
CA ASP B 85 -3.27 28.72 6.92
C ASP B 85 -4.23 28.46 5.80
N THR B 86 -4.15 27.29 5.21
CA THR B 86 -5.05 26.99 4.11
C THR B 86 -6.47 27.25 4.54
N PRO B 87 -7.22 27.92 3.64
CA PRO B 87 -8.62 28.22 3.96
C PRO B 87 -9.42 26.95 4.15
N ASP B 88 -10.49 27.03 4.89
CA ASP B 88 -11.29 25.86 5.09
C ASP B 88 -12.04 25.52 3.83
N ALA B 89 -12.41 24.25 3.72
CA ALA B 89 -13.17 23.78 2.55
C ALA B 89 -14.63 23.81 3.04
N PRO B 90 -15.56 24.00 2.10
CA PRO B 90 -17.00 24.05 2.44
C PRO B 90 -17.55 22.76 3.04
N GLU B 91 -18.36 22.92 4.08
CA GLU B 91 -18.90 21.70 4.69
C GLU B 91 -19.74 20.96 3.64
N SER B 92 -19.70 19.62 3.64
CA SER B 92 -20.50 18.87 2.70
C SER B 92 -20.76 17.48 3.18
N HIS B 93 -21.99 17.00 2.99
CA HIS B 93 -22.31 15.65 3.42
C HIS B 93 -22.61 14.79 2.20
N ASP B 94 -22.20 15.23 1.00
CA ASP B 94 -22.44 14.44 -0.18
C ASP B 94 -21.87 13.04 -0.03
N PRO B 95 -22.63 12.00 -0.38
CA PRO B 95 -22.09 10.63 -0.23
C PRO B 95 -21.19 10.15 -1.32
N LEU B 96 -20.95 10.94 -2.36
CA LEU B 96 -20.11 10.54 -3.42
C LEU B 96 -18.89 11.34 -3.65
N MET B 97 -19.05 12.66 -3.67
CA MET B 97 -17.93 13.52 -3.92
C MET B 97 -17.90 14.57 -2.87
N ARG B 98 -17.03 14.35 -1.89
CA ARG B 98 -16.91 15.29 -0.77
C ARG B 98 -15.43 15.47 -0.46
N CYS B 99 -15.11 16.67 0.01
CA CYS B 99 -13.74 17.01 0.35
C CYS B 99 -13.77 17.57 1.75
N GLN B 100 -12.62 17.79 2.37
CA GLN B 100 -12.56 18.33 3.71
C GLN B 100 -11.28 19.14 3.74
N SER B 101 -11.18 20.09 4.67
CA SER B 101 -9.97 20.92 4.78
C SER B 101 -8.80 20.14 5.31
N ALA B 102 -7.61 20.64 5.06
CA ALA B 102 -6.36 20.04 5.51
C ALA B 102 -5.25 21.07 5.77
N ARG B 103 -4.86 21.21 7.03
CA ARG B 103 -3.78 22.14 7.35
C ARG B 103 -2.70 21.37 8.13
N GLY B 104 -1.53 21.97 8.18
CA GLY B 104 -0.43 21.36 8.90
C GLY B 104 0.89 21.90 8.44
N THR B 105 1.95 21.15 8.77
CA THR B 105 3.28 21.54 8.38
C THR B 105 4.15 20.31 8.34
N SER B 106 5.35 20.44 7.82
CA SER B 106 6.27 19.33 7.71
C SER B 106 7.69 19.81 8.02
N ARG B 107 8.44 19.02 8.77
CA ARG B 107 9.82 19.40 9.09
C ARG B 107 10.70 18.20 8.82
N VAL B 108 11.96 18.49 8.55
CA VAL B 108 12.92 17.45 8.28
C VAL B 108 13.84 17.38 9.49
N ILE B 109 14.18 16.18 9.92
CA ILE B 109 15.07 16.02 11.07
C ILE B 109 16.34 15.29 10.66
N CYS B 110 17.48 15.98 10.66
CA CYS B 110 18.76 15.42 10.32
C CYS B 110 19.17 14.64 11.59
N PHE B 111 19.54 13.37 11.49
CA PHE B 111 19.91 12.63 12.69
C PHE B 111 21.20 13.03 13.32
N SER B 112 22.16 13.38 12.50
CA SER B 112 23.44 13.79 13.01
C SER B 112 24.14 14.37 11.83
N PRO B 113 25.26 15.06 12.07
CA PRO B 113 25.97 15.66 10.95
C PRO B 113 26.70 14.65 10.15
N ASP B 114 26.81 13.44 10.68
CA ASP B 114 27.53 12.40 9.92
C ASP B 114 26.67 11.91 8.75
N HIS B 115 27.10 12.30 7.56
CA HIS B 115 26.43 11.96 6.32
C HIS B 115 26.36 10.46 6.07
N SER B 116 27.29 9.72 6.67
CA SER B 116 27.26 8.28 6.45
C SER B 116 26.85 7.33 7.55
N LYS B 117 26.53 7.85 8.73
CA LYS B 117 26.12 7.00 9.84
C LYS B 117 24.61 6.84 10.10
N THR B 118 24.07 5.67 9.77
CA THR B 118 22.66 5.37 9.98
C THR B 118 22.38 5.02 11.44
N LEU B 119 21.12 4.93 11.82
CA LEU B 119 20.75 4.63 13.18
C LEU B 119 21.51 3.57 13.94
N PRO B 120 21.70 2.37 13.37
CA PRO B 120 22.41 1.31 14.10
C PRO B 120 23.87 1.59 14.37
N GLU B 121 24.43 2.47 13.56
CA GLU B 121 25.82 2.87 13.68
C GLU B 121 26.08 4.08 14.60
N LEU B 122 25.05 4.68 15.18
CA LEU B 122 25.27 5.81 16.07
C LEU B 122 25.36 5.33 17.48
N SER B 123 25.98 6.15 18.31
CA SER B 123 26.11 5.78 19.72
C SER B 123 24.81 5.93 20.45
N VAL B 124 24.68 5.26 21.58
CA VAL B 124 23.47 5.35 22.32
C VAL B 124 23.27 6.79 22.73
N ALA B 125 24.35 7.52 22.93
CA ALA B 125 24.21 8.93 23.33
C ALA B 125 23.60 9.76 22.20
N ALA B 126 24.06 9.53 20.97
CA ALA B 126 23.56 10.25 19.81
C ALA B 126 22.09 9.90 19.56
N LEU B 127 21.73 8.64 19.75
CA LEU B 127 20.35 8.20 19.55
C LEU B 127 19.50 8.81 20.62
N THR B 128 20.04 9.02 21.82
CA THR B 128 19.23 9.60 22.87
C THR B 128 18.88 11.05 22.48
N GLU B 129 19.81 11.72 21.80
CA GLU B 129 19.56 13.11 21.38
C GLU B 129 18.44 13.06 20.32
N ILE B 130 18.40 12.03 19.51
CA ILE B 130 17.35 11.96 18.50
C ILE B 130 16.06 11.81 19.21
N VAL B 131 15.97 10.97 20.24
CA VAL B 131 14.72 10.79 20.94
C VAL B 131 14.26 12.09 21.60
N LYS B 132 15.22 12.82 22.17
CA LYS B 132 14.85 14.08 22.83
C LYS B 132 14.28 15.04 21.81
N THR B 133 14.86 15.08 20.62
CA THR B 133 14.36 15.96 19.53
C THR B 133 12.90 15.54 19.14
N TRP B 134 12.64 14.22 19.04
CA TRP B 134 11.33 13.73 18.69
C TRP B 134 10.36 14.22 19.71
N GLN B 135 10.77 14.16 20.99
CA GLN B 135 9.88 14.60 22.07
C GLN B 135 9.62 16.13 21.98
N GLU B 136 10.67 16.91 21.76
CA GLU B 136 10.57 18.37 21.68
C GLU B 136 9.69 18.75 20.52
N GLN B 137 9.96 18.17 19.36
CA GLN B 137 9.12 18.47 18.20
C GLN B 137 7.66 18.06 18.38
N THR B 138 7.39 16.89 19.02
CA THR B 138 6.02 16.46 19.23
C THR B 138 5.27 17.40 20.19
N ALA B 139 5.94 17.77 21.28
CA ALA B 139 5.30 18.67 22.27
C ALA B 139 4.93 20.00 21.65
N GLU B 140 5.88 20.54 20.91
CA GLU B 140 5.72 21.81 20.25
C GLU B 140 4.55 21.81 19.25
N LEU B 141 4.60 20.90 18.26
CA LEU B 141 3.55 20.79 17.26
C LEU B 141 2.20 20.38 17.83
N GLY B 142 2.22 19.57 18.87
CA GLY B 142 0.97 19.12 19.47
C GLY B 142 0.20 20.23 20.15
N LYS B 143 0.83 21.39 20.31
CA LYS B 143 0.08 22.48 20.95
C LYS B 143 -0.95 23.03 19.95
N THR B 144 -0.58 22.93 18.67
CA THR B 144 -1.46 23.41 17.62
C THR B 144 -2.21 22.32 16.85
N TYR B 145 -1.55 21.19 16.57
CA TYR B 145 -2.17 20.11 15.82
C TYR B 145 -2.53 18.83 16.53
N PRO B 146 -3.69 18.24 16.24
CA PRO B 146 -4.05 17.01 16.93
C PRO B 146 -3.24 15.80 16.61
N TRP B 147 -2.68 15.73 15.41
CA TRP B 147 -1.85 14.61 15.00
C TRP B 147 -0.47 14.98 14.60
N VAL B 148 0.50 14.31 15.24
CA VAL B 148 1.89 14.54 14.94
C VAL B 148 2.46 13.19 14.48
N GLN B 149 3.03 13.15 13.30
CA GLN B 149 3.61 11.95 12.74
C GLN B 149 5.07 12.05 12.53
N VAL B 150 5.79 11.32 13.36
CA VAL B 150 7.26 11.29 13.25
C VAL B 150 7.51 9.99 12.42
N PHE B 151 8.36 10.07 11.41
CA PHE B 151 8.64 8.88 10.61
C PHE B 151 9.98 8.94 9.99
N GLU B 152 10.39 7.83 9.38
CA GLU B 152 11.66 7.72 8.71
C GLU B 152 11.50 6.80 7.48
N ASN B 153 11.99 7.25 6.32
CA ASN B 153 11.95 6.46 5.11
C ASN B 153 13.40 6.30 4.85
N LYS B 154 13.81 5.05 4.81
CA LYS B 154 15.21 4.79 4.57
C LYS B 154 15.51 3.87 3.39
N GLY B 155 16.53 4.20 2.62
CA GLY B 155 16.96 3.38 1.50
C GLY B 155 16.43 3.69 0.11
N ALA B 156 17.16 3.30 -0.92
CA ALA B 156 16.73 3.54 -2.30
C ALA B 156 15.43 2.80 -2.61
N ALA B 157 15.24 1.64 -1.95
CA ALA B 157 14.03 0.81 -2.14
C ALA B 157 12.73 1.52 -1.74
N MET B 158 12.86 2.55 -0.90
CA MET B 158 11.74 3.36 -0.40
C MET B 158 11.69 4.69 -1.18
N GLY B 159 12.60 4.83 -2.16
CA GLY B 159 12.70 6.02 -2.98
C GLY B 159 13.61 7.13 -2.47
N CYS B 160 14.53 6.80 -1.56
CA CYS B 160 15.47 7.77 -0.98
C CYS B 160 16.77 7.95 -1.77
N SER B 161 16.89 9.14 -2.34
CA SER B 161 18.07 9.48 -3.15
C SER B 161 19.25 9.92 -2.27
N ASN B 162 18.91 10.62 -1.21
CA ASN B 162 19.92 11.12 -0.30
C ASN B 162 20.04 10.15 0.86
N PRO B 163 21.24 9.55 1.00
CA PRO B 163 21.45 8.61 2.10
C PRO B 163 21.84 9.38 3.35
N HIS B 164 21.76 10.72 3.38
CA HIS B 164 22.10 11.42 4.61
C HIS B 164 20.98 11.00 5.56
N PRO B 165 21.36 10.40 6.69
CA PRO B 165 20.36 9.94 7.63
C PRO B 165 19.43 11.01 8.18
N HIS B 166 18.14 10.84 7.97
CA HIS B 166 17.20 11.79 8.48
C HIS B 166 15.82 11.23 8.48
N GLY B 167 14.96 11.93 9.20
CA GLY B 167 13.61 11.49 9.28
C GLY B 167 12.78 12.73 9.02
N GLN B 168 11.47 12.63 9.20
CA GLN B 168 10.62 13.79 8.98
C GLN B 168 9.57 13.84 10.03
N ILE B 169 8.94 15.02 10.20
CA ILE B 169 7.87 15.13 11.24
C ILE B 169 6.74 15.92 10.60
N TRP B 170 5.57 15.34 10.51
CA TRP B 170 4.45 16.06 9.91
C TRP B 170 3.39 16.28 10.95
N ALA B 171 2.73 17.42 10.93
CA ALA B 171 1.67 17.75 11.88
C ALA B 171 0.39 17.92 11.03
N ASN B 172 -0.77 17.45 11.46
CA ASN B 172 -2.00 17.56 10.70
C ASN B 172 -3.10 18.09 11.58
N SER B 173 -4.01 18.81 10.95
CA SER B 173 -5.13 19.39 11.68
C SER B 173 -6.19 18.40 11.79
N PHE B 174 -5.91 17.24 11.26
CA PHE B 174 -6.95 16.18 11.35
C PHE B 174 -6.26 14.86 11.68
N LEU B 175 -7.08 13.85 11.97
CA LEU B 175 -6.49 12.53 12.27
C LEU B 175 -6.45 11.77 10.93
N PRO B 176 -5.25 11.44 10.45
CA PRO B 176 -5.19 10.69 9.20
C PRO B 176 -5.84 9.33 9.32
N ASN B 177 -6.09 8.70 8.18
CA ASN B 177 -6.74 7.38 8.18
C ASN B 177 -6.25 6.34 9.22
N GLU B 178 -4.97 6.07 9.22
CA GLU B 178 -4.42 5.08 10.14
C GLU B 178 -4.67 5.46 11.58
N ALA B 179 -4.48 6.75 11.90
CA ALA B 179 -4.67 7.23 13.28
C ALA B 179 -6.11 7.11 13.68
N GLU B 180 -7.02 7.49 12.78
CA GLU B 180 -8.41 7.42 13.13
C GLU B 180 -8.84 6.00 13.48
N ARG B 181 -8.42 5.08 12.63
CA ARG B 181 -8.79 3.70 12.81
C ARG B 181 -8.16 3.09 14.09
N GLU B 182 -6.85 3.31 14.26
CA GLU B 182 -6.20 2.78 15.46
C GLU B 182 -6.87 3.38 16.73
N ASP B 183 -7.15 4.69 16.73
CA ASP B 183 -7.77 5.32 17.90
C ASP B 183 -9.12 4.67 18.20
N ARG B 184 -9.96 4.46 17.19
CA ARG B 184 -11.25 3.85 17.41
C ARG B 184 -11.22 2.39 17.86
N LEU B 185 -10.37 1.58 17.21
CA LEU B 185 -10.27 0.16 17.58
C LEU B 185 -9.68 0.04 18.99
N GLN B 186 -8.72 0.89 19.35
CA GLN B 186 -8.11 0.82 20.69
C GLN B 186 -9.18 1.26 21.67
N LYS B 187 -9.94 2.29 21.33
CA LYS B 187 -10.98 2.78 22.24
C LYS B 187 -12.03 1.72 22.52
N GLU B 188 -12.39 0.96 21.49
CA GLU B 188 -13.39 -0.07 21.66
C GLU B 188 -12.91 -1.18 22.53
N TYR B 189 -11.65 -1.51 22.30
CA TYR B 189 -11.11 -2.61 23.12
C TYR B 189 -11.02 -2.24 24.56
N PHE B 190 -10.59 -0.99 24.81
CA PHE B 190 -10.48 -0.56 26.22
C PHE B 190 -11.87 -0.55 26.91
N ALA B 191 -12.93 -0.17 26.20
CA ALA B 191 -14.25 -0.14 26.81
C ALA B 191 -14.75 -1.48 27.25
N GLU B 192 -14.39 -2.45 26.44
CA GLU B 192 -14.81 -3.82 26.74
C GLU B 192 -13.87 -4.52 27.72
N GLN B 193 -12.56 -4.34 27.60
CA GLN B 193 -11.65 -5.02 28.51
C GLN B 193 -11.15 -4.26 29.70
N LYS B 194 -11.37 -2.96 29.64
CA LYS B 194 -10.90 -2.11 30.76
C LYS B 194 -9.39 -2.07 30.89
N SER B 195 -8.67 -2.45 29.83
CA SER B 195 -7.22 -2.44 29.80
C SER B 195 -6.81 -2.04 28.38
N PRO B 196 -5.67 -1.36 28.20
CA PRO B 196 -5.25 -0.94 26.85
C PRO B 196 -4.80 -2.09 26.01
N MET B 197 -5.31 -2.17 24.79
CA MET B 197 -4.97 -3.22 23.83
C MET B 197 -3.51 -3.64 23.73
N LEU B 198 -2.65 -2.68 23.50
CA LEU B 198 -1.23 -2.96 23.35
C LEU B 198 -0.46 -3.18 24.62
N VAL B 199 -1.09 -2.90 25.75
CA VAL B 199 -0.40 -3.11 27.01
C VAL B 199 -0.64 -4.62 27.23
N ASP B 200 -1.84 -5.09 26.93
CA ASP B 200 -2.18 -6.48 27.08
C ASP B 200 -1.36 -7.30 26.11
N TYR B 201 -1.26 -6.83 24.87
CA TYR B 201 -0.48 -7.54 23.87
C TYR B 201 0.97 -7.65 24.30
N VAL B 202 1.57 -6.57 24.80
CA VAL B 202 2.96 -6.57 25.22
C VAL B 202 3.16 -7.62 26.35
N GLN B 203 2.23 -7.71 27.29
CA GLN B 203 2.33 -8.67 28.40
C GLN B 203 2.20 -10.09 27.86
N ARG B 204 1.34 -10.31 26.88
CA ARG B 204 1.23 -11.66 26.38
C ARG B 204 2.47 -12.11 25.61
N GLU B 205 3.04 -11.25 24.78
CA GLU B 205 4.21 -11.61 24.01
C GLU B 205 5.41 -11.78 24.94
N LEU B 206 5.45 -10.98 25.99
CA LEU B 206 6.59 -11.10 26.90
C LEU B 206 6.64 -12.48 27.52
N ALA B 207 5.48 -13.02 27.82
CA ALA B 207 5.31 -14.33 28.41
C ALA B 207 5.46 -15.45 27.45
N ASP B 208 5.32 -15.18 26.17
CA ASP B 208 5.44 -16.20 25.12
C ASP B 208 6.87 -16.35 24.60
N GLY B 209 7.34 -15.34 23.88
CA GLY B 209 8.67 -15.34 23.35
C GLY B 209 8.82 -15.74 21.91
N SER B 210 7.83 -16.49 21.42
CA SER B 210 7.94 -16.92 20.01
C SER B 210 8.15 -15.84 18.95
N ARG B 211 7.61 -14.63 19.21
CA ARG B 211 7.79 -13.57 18.20
C ARG B 211 8.68 -12.46 18.69
N THR B 212 9.35 -12.62 19.82
CA THR B 212 10.21 -11.56 20.34
C THR B 212 11.50 -11.42 19.62
N VAL B 213 11.89 -10.19 19.30
CA VAL B 213 13.14 -9.94 18.59
C VAL B 213 14.11 -9.12 19.44
N VAL B 214 13.63 -8.19 20.24
CA VAL B 214 14.47 -7.35 21.07
C VAL B 214 13.69 -7.12 22.39
N GLU B 215 14.42 -7.22 23.49
CA GLU B 215 13.81 -7.04 24.79
C GLU B 215 14.83 -6.29 25.63
N THR B 216 14.41 -5.15 26.15
CA THR B 216 15.32 -4.40 26.96
C THR B 216 14.58 -4.21 28.25
N GLU B 217 15.18 -3.45 29.13
CA GLU B 217 14.46 -3.27 30.37
C GLU B 217 13.06 -2.71 30.23
N HIS B 218 12.96 -1.64 29.42
CA HIS B 218 11.65 -1.01 29.31
C HIS B 218 10.94 -1.17 27.98
N TRP B 219 11.61 -1.82 27.04
CA TRP B 219 11.01 -2.01 25.69
C TRP B 219 11.04 -3.44 25.17
N LEU B 220 10.10 -3.66 24.27
CA LEU B 220 9.99 -4.95 23.61
C LEU B 220 9.72 -4.71 22.10
N ALA B 221 10.41 -5.43 21.24
CA ALA B 221 10.19 -5.32 19.82
C ALA B 221 9.83 -6.77 19.44
N VAL B 222 8.74 -6.92 18.69
CA VAL B 222 8.32 -8.22 18.24
C VAL B 222 7.96 -8.15 16.74
N VAL B 223 7.77 -9.32 16.15
CA VAL B 223 7.33 -9.40 14.77
C VAL B 223 5.85 -9.67 15.26
N PRO B 224 4.92 -8.68 15.11
CA PRO B 224 3.55 -8.89 15.58
C PRO B 224 2.88 -10.09 14.98
N TYR B 225 1.99 -10.66 15.74
CA TYR B 225 1.27 -11.83 15.27
C TYR B 225 0.61 -11.61 13.88
N TRP B 226 0.08 -10.42 13.64
CA TRP B 226 -0.58 -10.03 12.39
C TRP B 226 0.31 -9.26 11.42
N ALA B 227 1.62 -9.46 11.52
CA ALA B 227 2.52 -8.78 10.62
C ALA B 227 2.20 -8.97 9.15
N ALA B 228 2.32 -7.89 8.37
CA ALA B 228 2.04 -7.99 6.94
C ALA B 228 3.33 -8.06 6.14
N TRP B 229 4.32 -7.20 6.40
CA TRP B 229 5.56 -7.23 5.66
C TRP B 229 6.44 -8.36 6.25
N PRO B 230 7.28 -8.96 5.40
CA PRO B 230 8.16 -10.06 5.84
C PRO B 230 8.80 -9.90 7.21
N PHE B 231 9.66 -8.91 7.38
CA PHE B 231 10.26 -8.79 8.71
C PHE B 231 9.78 -7.57 9.48
N GLU B 232 8.49 -7.28 9.34
CA GLU B 232 7.89 -6.14 10.02
C GLU B 232 7.97 -6.31 11.54
N THR B 233 8.21 -5.21 12.26
CA THR B 233 8.26 -5.29 13.72
C THR B 233 7.40 -4.22 14.32
N LEU B 234 7.06 -4.41 15.58
CA LEU B 234 6.25 -3.45 16.36
C LEU B 234 7.10 -3.25 17.65
N LEU B 235 7.48 -2.02 17.95
CA LEU B 235 8.27 -1.67 19.12
C LEU B 235 7.38 -0.99 20.09
N LEU B 236 7.27 -1.53 21.29
CA LEU B 236 6.41 -0.96 22.29
C LEU B 236 7.06 -0.91 23.70
N PRO B 237 6.58 0.03 24.51
CA PRO B 237 7.14 0.17 25.86
C PRO B 237 6.42 -0.87 26.69
N LYS B 238 7.09 -1.34 27.74
CA LYS B 238 6.42 -2.34 28.56
C LYS B 238 5.39 -1.71 29.45
N ALA B 239 5.60 -0.46 29.80
CA ALA B 239 4.61 0.16 30.64
C ALA B 239 3.69 0.98 29.79
N HIS B 240 2.56 1.37 30.38
CA HIS B 240 1.56 2.16 29.69
C HIS B 240 2.03 3.54 29.50
N VAL B 241 2.27 3.94 28.27
CA VAL B 241 2.76 5.29 27.95
C VAL B 241 1.86 5.87 26.83
N LEU B 242 1.32 7.07 26.97
CA LEU B 242 0.48 7.63 25.94
C LEU B 242 1.16 8.26 24.75
N ARG B 243 2.22 9.04 24.96
CA ARG B 243 2.93 9.70 23.89
C ARG B 243 4.39 9.66 24.19
N ILE B 244 5.19 9.94 23.15
CA ILE B 244 6.61 9.92 23.30
C ILE B 244 7.11 10.92 24.30
N THR B 245 6.32 11.96 24.46
CA THR B 245 6.66 13.04 25.37
C THR B 245 6.49 12.57 26.84
N ASP B 246 5.81 11.46 27.11
CA ASP B 246 5.61 10.97 28.45
C ASP B 246 6.65 10.01 28.97
N LEU B 247 7.62 9.67 28.15
CA LEU B 247 8.66 8.74 28.61
C LEU B 247 9.54 9.38 29.69
N THR B 248 9.89 8.57 30.68
CA THR B 248 10.75 9.10 31.72
C THR B 248 12.12 9.05 31.13
N ASP B 249 13.08 9.67 31.82
CA ASP B 249 14.42 9.65 31.28
C ASP B 249 15.03 8.28 31.11
N ALA B 250 14.64 7.33 31.97
CA ALA B 250 15.14 5.99 31.93
C ALA B 250 14.59 5.33 30.67
N GLN B 251 13.30 5.48 30.45
CA GLN B 251 12.65 4.92 29.28
C GLN B 251 13.24 5.46 28.00
N ARG B 252 13.55 6.74 28.02
CA ARG B 252 14.13 7.37 26.88
C ARG B 252 15.51 6.86 26.56
N SER B 253 16.37 6.72 27.59
CA SER B 253 17.71 6.21 27.33
C SER B 253 17.67 4.73 26.89
N ASP B 254 16.73 3.95 27.44
CA ASP B 254 16.58 2.53 27.09
C ASP B 254 16.00 2.44 25.67
N LEU B 255 15.18 3.42 25.27
CA LEU B 255 14.60 3.41 23.93
C LEU B 255 15.74 3.50 22.95
N ALA B 256 16.72 4.37 23.19
CA ALA B 256 17.87 4.51 22.32
C ALA B 256 18.65 3.17 22.12
N LEU B 257 18.81 2.43 23.20
CA LEU B 257 19.53 1.15 23.15
C LEU B 257 18.63 0.15 22.37
N ALA B 258 17.32 0.10 22.65
CA ALA B 258 16.45 -0.84 21.91
C ALA B 258 16.45 -0.52 20.41
N LEU B 259 16.50 0.76 20.08
CA LEU B 259 16.53 1.11 18.67
C LEU B 259 17.87 0.70 18.06
N LYS B 260 18.97 0.84 18.81
CA LYS B 260 20.25 0.46 18.26
C LYS B 260 20.25 -1.07 18.02
N LYS B 261 19.73 -1.83 18.95
CA LYS B 261 19.71 -3.30 18.81
C LYS B 261 18.78 -3.77 17.65
N LEU B 262 17.58 -3.25 17.59
CA LEU B 262 16.65 -3.65 16.54
C LEU B 262 17.17 -3.35 15.18
N THR B 263 17.63 -2.13 14.98
CA THR B 263 18.15 -1.77 13.68
C THR B 263 19.42 -2.46 13.32
N SER B 264 20.18 -2.85 14.35
CA SER B 264 21.47 -3.57 14.11
C SER B 264 21.08 -4.99 13.58
N ARG B 265 20.06 -5.62 14.20
CA ARG B 265 19.60 -6.95 13.77
C ARG B 265 19.11 -6.89 12.35
N TYR B 266 18.35 -5.87 11.96
CA TYR B 266 17.89 -5.80 10.60
C TYR B 266 19.07 -5.72 9.62
N ASP B 267 20.10 -4.91 9.86
CA ASP B 267 21.23 -4.79 8.97
C ASP B 267 22.07 -6.09 8.93
N ASN B 268 22.09 -6.83 10.03
CA ASN B 268 22.88 -8.07 10.02
C ASN B 268 22.19 -9.21 9.28
N LEU B 269 20.89 -9.13 9.04
CA LEU B 269 20.17 -10.19 8.35
C LEU B 269 20.76 -10.52 7.01
N PHE B 270 21.04 -9.50 6.22
CA PHE B 270 21.63 -9.70 4.91
C PHE B 270 22.93 -8.92 4.83
N GLN B 271 23.41 -8.45 5.97
CA GLN B 271 24.63 -7.71 5.99
C GLN B 271 24.69 -6.56 5.00
N CYS B 272 23.72 -5.64 5.11
CA CYS B 272 23.66 -4.48 4.23
C CYS B 272 22.76 -3.48 4.95
N SER B 273 22.73 -2.21 4.53
CA SER B 273 21.87 -1.22 5.19
C SER B 273 20.47 -1.63 4.81
N PHE B 274 19.67 -2.07 5.78
CA PHE B 274 18.31 -2.53 5.55
C PHE B 274 17.27 -1.44 5.41
N PRO B 275 16.57 -1.40 4.27
CA PRO B 275 15.59 -0.33 4.08
C PRO B 275 14.30 -0.54 4.76
N TYR B 276 13.67 0.54 5.19
CA TYR B 276 12.40 0.40 5.87
C TYR B 276 11.79 1.80 5.95
N SER B 277 10.55 1.80 6.39
CA SER B 277 9.82 3.00 6.57
C SER B 277 9.41 2.71 8.03
N MET B 278 9.57 3.69 8.91
CA MET B 278 9.16 3.50 10.30
C MET B 278 8.41 4.75 10.80
N GLY B 279 7.59 4.58 11.81
CA GLY B 279 6.90 5.73 12.33
C GLY B 279 6.30 5.44 13.72
N TRP B 280 6.10 6.48 14.52
CA TRP B 280 5.52 6.40 15.83
C TRP B 280 4.07 6.79 15.83
N HIS B 281 3.27 6.09 16.60
CA HIS B 281 1.85 6.35 16.73
C HIS B 281 1.64 6.49 18.24
N GLY B 282 1.18 7.66 18.63
CA GLY B 282 0.91 7.98 20.03
C GLY B 282 -0.47 8.61 20.09
N ALA B 283 -0.93 8.87 21.31
CA ALA B 283 -2.25 9.49 21.50
C ALA B 283 -2.33 10.87 20.83
N PRO B 284 -3.46 11.19 20.22
CA PRO B 284 -3.52 12.49 19.59
C PRO B 284 -3.70 13.60 20.65
N PHE B 285 -3.41 14.84 20.27
CA PHE B 285 -3.56 15.95 21.18
C PHE B 285 -4.95 16.54 20.85
N ASN B 286 -5.99 15.77 21.11
CA ASN B 286 -7.34 16.21 20.85
C ASN B 286 -8.14 16.52 22.12
N GLY B 287 -7.45 16.67 23.22
CA GLY B 287 -8.16 16.97 24.44
C GLY B 287 -9.08 15.96 25.05
N GLU B 288 -9.11 14.76 24.52
CA GLU B 288 -10.00 13.75 25.12
C GLU B 288 -9.28 12.83 26.08
N GLU B 289 -10.07 11.87 26.56
CA GLU B 289 -9.49 10.90 27.50
C GLU B 289 -8.92 9.89 26.48
N ASN B 290 -7.61 9.69 26.60
CA ASN B 290 -6.94 8.77 25.67
C ASN B 290 -6.24 7.64 26.41
N GLN B 291 -6.70 7.26 27.60
CA GLN B 291 -6.05 6.20 28.31
C GLN B 291 -6.02 4.95 27.48
N HIS B 292 -6.86 4.86 26.46
CA HIS B 292 -6.93 3.69 25.60
C HIS B 292 -5.71 3.49 24.70
N TRP B 293 -4.92 4.53 24.56
CA TRP B 293 -3.75 4.50 23.75
C TRP B 293 -2.50 3.89 24.37
N GLN B 294 -1.60 3.45 23.51
CA GLN B 294 -0.35 2.89 23.91
C GLN B 294 0.61 3.29 22.81
N LEU B 295 1.67 4.01 23.21
CA LEU B 295 2.67 4.46 22.28
C LEU B 295 3.34 3.26 21.62
N HIS B 296 3.58 3.34 20.32
CA HIS B 296 4.22 2.26 19.61
C HIS B 296 4.84 2.72 18.30
N ALA B 297 5.79 1.96 17.78
CA ALA B 297 6.41 2.32 16.54
C ALA B 297 6.26 1.11 15.59
N HIS B 298 6.05 1.36 14.30
CA HIS B 298 5.96 0.23 13.39
C HIS B 298 7.16 0.32 12.46
N PHE B 299 7.72 -0.83 12.07
CA PHE B 299 8.86 -0.89 11.15
C PHE B 299 8.33 -1.76 9.98
N TYR B 300 8.27 -1.20 8.77
CA TYR B 300 7.77 -1.87 7.57
C TYR B 300 8.88 -1.92 6.53
N PRO B 301 9.65 -3.03 6.53
CA PRO B 301 10.75 -3.26 5.60
C PRO B 301 10.26 -4.05 4.41
N PRO B 302 10.71 -3.68 3.19
CA PRO B 302 10.28 -4.42 1.97
C PRO B 302 11.10 -5.70 1.59
N LEU B 303 12.34 -5.84 2.02
CA LEU B 303 13.16 -6.99 1.68
C LEU B 303 12.59 -8.30 2.11
N LEU B 304 12.81 -9.32 1.30
CA LEU B 304 12.26 -10.62 1.66
C LEU B 304 13.22 -11.81 1.73
N ARG B 305 13.96 -12.05 0.65
CA ARG B 305 14.88 -13.18 0.66
C ARG B 305 16.36 -12.85 0.64
N SER B 306 16.64 -11.65 0.14
CA SER B 306 18.04 -11.24 0.06
C SER B 306 18.09 -9.72 -0.01
N ALA B 307 19.32 -9.22 -0.09
CA ALA B 307 19.56 -7.80 -0.17
C ALA B 307 19.05 -7.16 -1.44
N THR B 308 18.48 -8.00 -2.31
CA THR B 308 18.06 -7.47 -3.60
C THR B 308 16.63 -7.92 -3.89
N VAL B 309 16.30 -9.12 -3.43
CA VAL B 309 14.98 -9.72 -3.61
C VAL B 309 14.01 -9.17 -2.57
N ARG B 310 13.06 -8.39 -3.08
CA ARG B 310 12.09 -7.77 -2.23
C ARG B 310 10.64 -8.22 -2.34
N LYS B 311 9.86 -7.81 -1.36
CA LYS B 311 8.42 -8.12 -1.38
C LYS B 311 7.64 -7.00 -2.11
N PHE B 312 6.77 -7.40 -3.03
CA PHE B 312 5.97 -6.42 -3.80
C PHE B 312 4.54 -6.58 -3.31
N MET B 313 3.93 -5.50 -2.82
CA MET B 313 2.55 -5.60 -2.35
C MET B 313 1.70 -5.06 -3.48
N VAL B 314 1.50 -5.94 -4.45
CA VAL B 314 0.74 -5.61 -5.66
C VAL B 314 -0.28 -6.70 -5.97
N GLY B 315 -0.92 -6.53 -7.11
CA GLY B 315 -1.93 -7.48 -7.56
C GLY B 315 -2.99 -7.90 -6.57
N TYR B 316 -2.95 -9.18 -6.22
CA TYR B 316 -3.92 -9.72 -5.28
C TYR B 316 -4.00 -8.93 -4.00
N GLU B 317 -2.82 -8.48 -3.57
CA GLU B 317 -2.78 -7.71 -2.33
C GLU B 317 -3.41 -6.31 -2.41
N MET B 318 -3.29 -5.63 -3.56
CA MET B 318 -3.89 -4.30 -3.65
C MET B 318 -5.37 -4.51 -3.92
N LEU B 319 -5.74 -5.61 -4.58
CA LEU B 319 -7.16 -5.84 -4.89
C LEU B 319 -8.00 -6.66 -3.92
N ALA B 320 -7.38 -7.32 -2.95
CA ALA B 320 -8.16 -8.14 -2.02
C ALA B 320 -7.58 -7.96 -0.62
N GLU B 321 -6.43 -8.59 -0.40
CA GLU B 321 -5.79 -8.48 0.92
C GLU B 321 -4.32 -8.93 0.87
N THR B 322 -3.59 -8.45 1.88
CA THR B 322 -2.16 -8.77 1.97
C THR B 322 -1.95 -10.26 2.16
N GLN B 323 -0.93 -10.76 1.51
CA GLN B 323 -0.56 -12.18 1.58
C GLN B 323 0.93 -12.31 1.93
N ARG B 324 1.27 -13.30 2.74
CA ARG B 324 2.67 -13.50 3.14
C ARG B 324 3.03 -14.99 3.07
N ASP B 325 4.29 -15.26 2.72
CA ASP B 325 4.79 -16.65 2.60
C ASP B 325 5.49 -17.10 3.90
N LEU B 326 6.39 -16.30 4.50
CA LEU B 326 7.11 -16.60 5.75
C LEU B 326 6.21 -16.20 6.87
N THR B 327 6.07 -17.03 7.88
CA THR B 327 5.20 -16.70 9.00
C THR B 327 5.89 -15.72 9.93
N ALA B 328 5.10 -15.07 10.80
CA ALA B 328 5.67 -14.11 11.75
C ALA B 328 6.65 -14.84 12.67
N GLU B 329 6.33 -16.10 13.01
CA GLU B 329 7.23 -16.88 13.89
C GLU B 329 8.54 -17.20 13.20
N GLN B 330 8.54 -17.50 11.91
CA GLN B 330 9.78 -17.77 11.22
C GLN B 330 10.59 -16.51 11.03
N ALA B 331 9.89 -15.40 10.73
CA ALA B 331 10.66 -14.18 10.54
C ALA B 331 11.34 -13.80 11.89
N ALA B 332 10.65 -13.94 13.00
CA ALA B 332 11.23 -13.57 14.31
C ALA B 332 12.39 -14.51 14.62
N GLU B 333 12.22 -15.80 14.37
CA GLU B 333 13.29 -16.72 14.63
C GLU B 333 14.51 -16.28 13.81
N ARG B 334 14.34 -15.89 12.54
CA ARG B 334 15.44 -15.48 11.71
C ARG B 334 16.13 -14.19 12.24
N LEU B 335 15.39 -13.22 12.79
CA LEU B 335 15.96 -11.95 13.31
C LEU B 335 16.71 -12.19 14.63
N ARG B 336 16.22 -13.17 15.38
CA ARG B 336 16.83 -13.54 16.67
C ARG B 336 18.13 -14.26 16.46
N ALA B 337 18.27 -14.94 15.32
CA ALA B 337 19.48 -15.66 15.04
C ALA B 337 20.70 -14.89 14.75
N VAL B 338 20.58 -13.62 14.43
CA VAL B 338 21.78 -12.83 14.12
C VAL B 338 22.19 -12.03 15.35
N SER B 339 23.37 -11.43 15.28
CA SER B 339 23.89 -10.62 16.38
C SER B 339 23.17 -9.29 16.43
N ASP B 340 23.16 -8.68 17.60
CA ASP B 340 22.52 -7.38 17.70
C ASP B 340 23.56 -6.28 17.75
N ILE B 341 24.79 -6.58 17.36
CA ILE B 341 25.82 -5.59 17.34
C ILE B 341 26.06 -5.41 15.83
N HIS B 342 25.93 -4.20 15.28
CA HIS B 342 26.13 -3.97 13.85
C HIS B 342 27.39 -4.56 13.34
N PHE B 343 27.30 -5.18 12.19
CA PHE B 343 28.47 -5.82 11.56
C PHE B 343 29.68 -4.97 11.37
N ARG B 344 29.50 -3.66 11.41
CA ARG B 344 30.65 -2.76 11.24
C ARG B 344 31.21 -2.33 12.60
N GLU B 345 30.53 -2.68 13.69
CA GLU B 345 30.98 -2.34 15.03
C GLU B 345 31.63 -3.59 15.63
N SER B 346 31.47 -4.73 14.95
CA SER B 346 31.99 -6.02 15.45
C SER B 346 33.50 -6.10 15.21
ZN ZN C . 6.50 -16.41 -23.29
FE FE D . -13.45 -2.18 -6.17
C1 BME E . -1.64 -19.66 14.62
C2 BME E . -2.75 -19.05 13.73
O1 BME E . -2.10 -19.58 15.98
S2 BME E . -4.11 -20.18 13.43
C1 BME F . 2.69 -11.65 -10.68
C2 BME F . 3.98 -10.94 -11.15
O1 BME F . 1.76 -12.18 -11.71
S2 BME F . 4.25 -10.81 -12.95
C1 BME G . 8.04 2.24 -16.57
C2 BME G . 7.86 3.20 -17.80
O1 BME G . 9.24 1.44 -16.77
S2 BME G . 6.84 2.50 -19.11
N1 U5P H . 4.20 -20.02 -12.43
C2 U5P H . 3.70 -21.29 -12.50
N3 U5P H . 4.52 -22.23 -13.08
C4 U5P H . 5.80 -22.00 -13.59
C5 U5P H . 6.22 -20.65 -13.48
C6 U5P H . 5.45 -19.74 -12.92
O2 U5P H . 2.60 -21.53 -12.02
O4 U5P H . 6.41 -22.94 -14.08
C1' U5P H . 3.34 -18.99 -11.81
C2' U5P H . 3.98 -18.33 -10.60
O2' U5P H . 3.73 -19.05 -9.38
C3' U5P H . 3.40 -16.91 -10.61
C4' U5P H . 3.22 -16.67 -12.11
O3' U5P H . 2.31 -16.66 -9.69
O4' U5P H . 3.02 -17.98 -12.72
C5' U5P H . 4.38 -16.07 -12.90
O5' U5P H . 4.93 -14.85 -12.36
P U5P H . 6.40 -14.85 -11.66
O1P U5P H . 6.57 -15.58 -10.35
O2P U5P H . 6.79 -13.46 -11.32
O3P U5P H . 7.38 -15.32 -12.91
ZN ZN I . 24.77 14.92 4.05
FE FE J . 0.04 2.10 14.90
C1 BME K . 11.61 10.70 2.03
C2 BME K . 12.46 9.68 1.23
O1 BME K . 12.30 11.35 3.16
S2 BME K . 14.12 9.35 1.92
N1 UDP L . 14.67 19.26 1.25
C2 UDP L . 14.30 20.49 1.72
N3 UDP L . 15.04 21.55 1.25
C4 UDP L . 16.11 21.48 0.37
C5 UDP L . 16.42 20.16 -0.06
C6 UDP L . 15.73 19.12 0.37
O2 UDP L . 13.37 20.54 2.50
O4 UDP L . 16.70 22.49 0.02
C1' UDP L . 13.89 18.12 1.75
C2' UDP L . 13.09 17.22 0.84
O2' UDP L . 11.70 17.61 0.70
C3' UDP L . 13.22 15.90 1.60
C4' UDP L . 14.65 15.91 2.10
O4' UDP L . 14.81 17.31 2.45
O3' UDP L . 12.35 15.84 2.70
C5' UDP L . 15.69 15.29 1.18
O5' UDP L . 16.11 15.97 -0.02
PA UDP L . 17.31 15.46 -0.95
O1A UDP L . 18.59 15.50 -0.21
O2A UDP L . 17.40 16.04 -2.32
O3A UDP L . 16.76 13.91 -1.13
PB UDP L . 15.36 13.45 -1.60
O1B UDP L . 15.57 11.86 -1.49
O2B UDP L . 15.28 13.86 -3.02
O3B UDP L . 14.30 14.24 -0.92
#